data_5MSS
#
_entry.id   5MSS
#
_cell.length_a   59.719
_cell.length_b   127.693
_cell.length_c   212.244
_cell.angle_alpha   90.00
_cell.angle_beta   90.00
_cell.angle_gamma   90.00
#
_symmetry.space_group_name_H-M   'C 2 2 21'
#
loop_
_entity.id
_entity.type
_entity.pdbx_description
1 polymer 'Thioester reductase domain-containing protein'
2 non-polymer 'ADENOSINE MONOPHOSPHATE'
3 non-polymer 'SODIUM ION'
4 water water
#
_entity_poly.entity_id   1
_entity_poly.type   'polypeptide(L)'
_entity_poly.pdbx_seq_one_letter_code
;MTESQSYETRQARPAGQSLAERVARLVAIDPQAAAAVPDKAVAERATQQGLRLAQRIEAFLSGYGDRPALAQRAFEITKD
PITGRAVATLLPKFETVSYRELLERSHAIASELANHAEAPVKAGEFIATIGFTSTDYTSLDIAGVLLGLTSVPLQTGATT
DTLKAIAEETAPAVFGASVEHLDNAVTTALATPSVRRLLVFDYRQGVDEDREAVEAARSRLAEAGSAVLVDTLDEVIARG
RALPRVALPPATDAGDDSLSLLIYTSGSTGTPKGAMYPERNVAQFWGGIWHNAFDDGDSAPDVPDIMVNFMPLSHVAGRI
GLMGTLSSGGTTYFIAKSDLSTFFEDYSLARPTKLFFVPRICEMIYQHYQSELDRIGAADGSPQAEAIKTELREKLLGGR
VLTAGSGSAPMSPELTAFIESVLQVHLVDGYGSTEAGPVWRDRKLVKPPVTEHKLIDVPELGYFSTDSPYPRGELAIKTQ
TILPGYYKRPETTAEVFDEDGFYLTGDVVAEVAPEEFVYVDRRKNVLKLSQGEFVALSKLEAAYGTSPLVRQISVYGSSQ
RSYLLAVVVPTPEALAKYGDGEAVKSALGDSLQKIAREEGLQSYEVPRDFIIETDPFTIENGILSDAGKTLRPKVKARYG
ERLEALYAQLAETQAGELRSIRVGAGERPVIETVQRAAAALLGASAAEVDPEAHFSDLGGDSLSALTYSNFLHEIFQVEV
PVSVIVSAANNLRSVAAHIEKERSSGSDRPTFASVHGAGATTIRASDLKLEKFLDAQTLAAAPSLPRPASEVRTVLLTGS
NGWLGRFLALAWLERLVPQGGKVVVIVRGKDDKAAKARLDSVFESGDPALLAHYEDLADKGLEVLAGDFSDADLGLRKAD
WDRLADEVDLIVHSGALVNHVLPYSQLFGPNVVGTAEVAKLALTKRLKPVTYLSTVAVAVGVEPSAFEEDGDIRDVSAVR
SIDEGYANGYGNSKWAGEVLLREAYEHAGLPVRVFRSDMILAHRKYTGQLNVPDQFTRLILSLLATGIAPKSFYQLDATG
GRQRAHYDGIPVDFTAEAITTLGLAGSDGYHSFDVFNPHHDGVGLDEFVDWLVEAGHPISRVDDYAEWLSRFETSLRGLP
EAQRQHSVLPLLHAFAQPAPAIDGSPFQTKNFQSSVQEAKVGAEHDIPHLDKALIVKYAEDIKQLGLL
;
_entity_poly.pdbx_strand_id   A
#
loop_
_chem_comp.id
_chem_comp.type
_chem_comp.name
_chem_comp.formula
AMP non-polymer 'ADENOSINE MONOPHOSPHATE' 'C10 H14 N5 O7 P'
NA non-polymer 'SODIUM ION' 'Na 1'
#
# COMPACT_ATOMS: atom_id res chain seq x y z
N GLN A 17 -23.03 22.65 -8.21
CA GLN A 17 -22.84 21.87 -9.46
C GLN A 17 -21.34 21.73 -9.82
N SER A 18 -20.75 22.77 -10.40
CA SER A 18 -19.31 22.83 -10.64
C SER A 18 -18.51 22.74 -9.33
N LEU A 19 -17.20 22.42 -9.43
CA LEU A 19 -16.40 22.19 -8.25
C LEU A 19 -16.32 23.49 -7.43
N ALA A 20 -16.10 24.60 -8.10
CA ALA A 20 -15.92 25.87 -7.40
C ALA A 20 -17.18 26.25 -6.64
N GLU A 21 -18.35 25.94 -7.19
CA GLU A 21 -19.64 26.18 -6.48
C GLU A 21 -19.78 25.25 -5.27
N ARG A 22 -19.50 23.98 -5.49
CA ARG A 22 -19.51 23.02 -4.40
C ARG A 22 -18.56 23.39 -3.26
N VAL A 23 -17.39 23.94 -3.58
CA VAL A 23 -16.44 24.37 -2.54
C VAL A 23 -16.96 25.56 -1.80
N ALA A 24 -17.46 26.53 -2.57
CA ALA A 24 -17.94 27.77 -1.98
C ALA A 24 -19.07 27.52 -0.99
N ARG A 25 -19.87 26.53 -1.29
CA ARG A 25 -21.02 26.12 -0.47
C ARG A 25 -20.62 25.40 0.83
N LEU A 26 -19.67 24.47 0.72
CA LEU A 26 -19.09 23.86 1.91
C LEU A 26 -18.41 24.86 2.85
N VAL A 27 -17.66 25.80 2.31
CA VAL A 27 -16.97 26.74 3.20
C VAL A 27 -17.97 27.73 3.84
N ALA A 28 -19.06 28.05 3.16
CA ALA A 28 -20.12 28.86 3.76
C ALA A 28 -20.79 28.20 4.93
N ILE A 29 -20.99 26.91 4.89
CA ILE A 29 -21.77 26.21 5.93
C ILE A 29 -20.94 25.32 6.85
N ASP A 30 -19.67 25.02 6.52
CA ASP A 30 -18.86 24.15 7.40
C ASP A 30 -17.66 24.89 7.98
N PRO A 31 -17.66 25.19 9.30
CA PRO A 31 -16.58 25.89 9.95
C PRO A 31 -15.26 25.14 9.90
N GLN A 32 -15.31 23.81 9.98
CA GLN A 32 -14.08 23.06 10.00
C GLN A 32 -13.40 23.15 8.64
N ALA A 33 -14.14 22.90 7.56
CA ALA A 33 -13.69 23.15 6.18
C ALA A 33 -13.27 24.60 5.82
N ALA A 34 -14.05 25.57 6.21
CA ALA A 34 -13.63 26.96 6.08
C ALA A 34 -12.24 27.26 6.67
N ALA A 35 -11.92 26.61 7.79
CA ALA A 35 -10.69 26.86 8.49
C ALA A 35 -9.53 26.13 7.84
N ALA A 36 -9.81 25.27 6.88
CA ALA A 36 -8.78 24.43 6.27
C ALA A 36 -8.45 24.85 4.86
N VAL A 37 -8.93 25.99 4.36
CA VAL A 37 -8.64 26.28 2.96
C VAL A 37 -7.22 26.76 2.82
N PRO A 38 -6.61 26.42 1.67
CA PRO A 38 -5.23 26.80 1.46
C PRO A 38 -5.02 28.33 1.42
N ASP A 39 -3.85 28.74 1.88
CA ASP A 39 -3.46 30.12 1.88
C ASP A 39 -2.42 30.30 0.80
N LYS A 40 -2.80 31.05 -0.25
CA LYS A 40 -1.95 31.29 -1.41
C LYS A 40 -0.61 31.89 -1.08
N ALA A 41 -0.60 32.77 -0.08
CA ALA A 41 0.65 33.42 0.38
C ALA A 41 1.66 32.48 1.00
N VAL A 42 1.18 31.41 1.66
CA VAL A 42 2.11 30.47 2.30
C VAL A 42 2.79 29.72 1.18
N ALA A 43 2.02 29.22 0.20
CA ALA A 43 2.58 28.48 -0.92
C ALA A 43 3.59 29.31 -1.75
N GLU A 44 3.27 30.57 -1.91
CA GLU A 44 4.17 31.49 -2.60
C GLU A 44 5.50 31.65 -1.84
N ARG A 45 5.51 31.88 -0.54
CA ARG A 45 6.77 31.89 0.20
C ARG A 45 7.47 30.54 0.11
N ALA A 46 6.74 29.43 0.36
CA ALA A 46 7.43 28.15 0.40
C ALA A 46 7.97 27.64 -0.93
N THR A 47 7.30 27.85 -2.05
CA THR A 47 7.80 27.38 -3.28
C THR A 47 8.61 28.37 -4.13
N GLN A 48 9.11 29.45 -3.54
CA GLN A 48 9.87 30.42 -4.30
C GLN A 48 11.10 29.74 -4.95
N GLN A 49 11.43 30.17 -6.15
CA GLN A 49 12.62 29.72 -6.85
C GLN A 49 13.88 29.70 -5.94
N GLY A 50 14.49 28.54 -5.92
CA GLY A 50 15.85 28.40 -5.39
C GLY A 50 15.87 27.92 -3.95
N LEU A 51 14.70 27.93 -3.29
CA LEU A 51 14.61 27.62 -1.88
C LEU A 51 14.87 26.11 -1.62
N ARG A 52 15.83 25.78 -0.77
CA ARG A 52 16.08 24.39 -0.44
C ARG A 52 14.88 23.68 0.23
N LEU A 53 14.82 22.36 0.02
CA LEU A 53 13.74 21.51 0.56
C LEU A 53 13.46 21.76 2.02
N ALA A 54 14.51 21.79 2.85
CA ALA A 54 14.27 21.92 4.27
C ALA A 54 13.54 23.19 4.58
N GLN A 55 13.97 24.27 3.96
CA GLN A 55 13.33 25.55 4.13
C GLN A 55 11.95 25.61 3.51
N ARG A 56 11.76 24.95 2.37
CA ARG A 56 10.40 24.84 1.87
C ARG A 56 9.45 24.24 2.90
N ILE A 57 9.87 23.14 3.50
CA ILE A 57 9.08 22.45 4.46
C ILE A 57 8.84 23.32 5.67
N GLU A 58 9.91 23.90 6.19
CA GLU A 58 9.73 24.87 7.27
C GLU A 58 8.77 26.02 6.97
N ALA A 59 8.77 26.49 5.74
CA ALA A 59 7.89 27.59 5.40
C ALA A 59 6.39 27.16 5.29
N PHE A 60 6.16 25.91 4.85
CA PHE A 60 4.80 25.43 4.84
C PHE A 60 4.32 25.28 6.24
N LEU A 61 5.11 24.66 7.11
CA LEU A 61 4.62 24.26 8.42
C LEU A 61 4.50 25.44 9.40
N SER A 62 5.49 26.31 9.40
CA SER A 62 5.36 27.50 10.22
C SER A 62 4.26 28.36 9.67
N GLY A 63 4.07 28.45 8.35
CA GLY A 63 3.04 29.29 7.76
C GLY A 63 1.61 28.97 8.13
N TYR A 64 1.32 27.71 8.46
CA TYR A 64 -0.05 27.27 8.72
C TYR A 64 -0.30 27.18 10.22
N GLY A 65 0.71 27.56 10.98
CA GLY A 65 0.55 27.99 12.36
C GLY A 65 -0.13 27.04 13.30
N ASP A 66 -1.28 27.45 13.81
CA ASP A 66 -1.96 26.64 14.77
C ASP A 66 -3.04 25.76 14.18
N ARG A 67 -3.15 25.67 12.87
CA ARG A 67 -4.11 24.77 12.27
C ARG A 67 -3.85 23.31 12.64
N PRO A 68 -4.91 22.51 12.73
CA PRO A 68 -4.70 21.02 12.85
C PRO A 68 -4.09 20.42 11.57
N ALA A 69 -2.93 19.83 11.72
CA ALA A 69 -2.21 19.24 10.59
C ALA A 69 -2.48 17.69 10.47
N LEU A 70 -2.38 16.96 11.57
CA LEU A 70 -2.52 15.49 11.57
C LEU A 70 -3.44 15.03 12.66
N ALA A 71 -4.21 13.95 12.45
CA ALA A 71 -5.08 13.42 13.51
C ALA A 71 -4.95 11.88 13.66
N GLN A 72 -4.85 11.44 14.90
CA GLN A 72 -4.69 10.00 15.28
C GLN A 72 -5.91 9.59 16.12
N ARG A 73 -6.43 8.36 15.96
CA ARG A 73 -7.53 7.98 16.83
C ARG A 73 -7.14 8.10 18.32
N ALA A 74 -8.05 8.58 19.13
CA ALA A 74 -7.75 8.72 20.54
C ALA A 74 -7.84 7.29 21.17
N PHE A 75 -7.16 7.10 22.27
CA PHE A 75 -7.33 5.84 23.03
C PHE A 75 -7.32 6.10 24.50
N GLU A 76 -7.75 5.11 25.25
CA GLU A 76 -7.69 5.12 26.68
C GLU A 76 -6.98 3.89 27.21
N ILE A 77 -6.40 4.07 28.39
CA ILE A 77 -5.64 3.07 29.06
C ILE A 77 -6.38 2.68 30.34
N THR A 78 -6.60 1.40 30.54
CA THR A 78 -7.23 1.00 31.79
C THR A 78 -6.58 -0.31 32.33
N LYS A 79 -6.51 -0.44 33.65
CA LYS A 79 -5.92 -1.63 34.25
C LYS A 79 -6.82 -2.83 34.08
N ASP A 80 -6.39 -3.82 33.33
CA ASP A 80 -7.17 -5.02 33.21
C ASP A 80 -7.33 -5.70 34.59
N PRO A 81 -8.56 -6.00 34.98
CA PRO A 81 -8.84 -6.52 36.33
C PRO A 81 -8.52 -7.99 36.47
N ILE A 82 -8.48 -8.75 35.37
CA ILE A 82 -8.01 -10.12 35.46
C ILE A 82 -6.48 -10.20 35.42
N THR A 83 -5.81 -9.42 34.56
CA THR A 83 -4.35 -9.61 34.40
C THR A 83 -3.49 -8.53 35.13
N GLY A 84 -4.12 -7.44 35.52
CA GLY A 84 -3.39 -6.32 36.11
C GLY A 84 -2.69 -5.41 35.08
N ARG A 85 -2.66 -5.85 33.82
CA ARG A 85 -1.89 -5.16 32.79
C ARG A 85 -2.60 -3.96 32.17
N ALA A 86 -1.87 -2.84 32.06
CA ALA A 86 -2.39 -1.62 31.44
C ALA A 86 -2.53 -1.77 29.93
N VAL A 87 -3.78 -1.85 29.48
CA VAL A 87 -4.14 -2.05 28.12
C VAL A 87 -4.80 -0.79 27.50
N ALA A 88 -4.59 -0.63 26.19
CA ALA A 88 -5.11 0.52 25.46
C ALA A 88 -6.23 0.07 24.62
N THR A 89 -7.32 0.84 24.56
CA THR A 89 -8.46 0.58 23.70
C THR A 89 -8.87 1.89 22.97
N LEU A 90 -9.24 1.74 21.71
CA LEU A 90 -9.60 2.89 20.88
C LEU A 90 -10.88 3.55 21.31
N LEU A 91 -10.97 4.87 21.11
CA LEU A 91 -12.16 5.63 21.42
C LEU A 91 -12.74 6.08 20.09
N PRO A 92 -14.03 6.35 20.03
CA PRO A 92 -14.70 6.75 18.80
C PRO A 92 -14.52 8.24 18.43
N LYS A 93 -13.29 8.72 18.51
CA LYS A 93 -12.93 10.05 18.13
C LYS A 93 -11.43 10.19 17.75
N PHE A 94 -11.10 11.30 17.10
CA PHE A 94 -9.69 11.65 16.81
C PHE A 94 -9.18 12.81 17.68
N GLU A 95 -7.86 12.85 17.92
CA GLU A 95 -7.15 13.94 18.56
C GLU A 95 -6.14 14.51 17.53
N THR A 96 -5.84 15.82 17.57
CA THR A 96 -5.04 16.42 16.52
C THR A 96 -3.76 17.04 16.99
N VAL A 97 -2.77 17.07 16.09
CA VAL A 97 -1.49 17.72 16.30
C VAL A 97 -1.45 18.93 15.33
N SER A 98 -1.04 20.09 15.81
CA SER A 98 -0.98 21.32 14.99
C SER A 98 0.28 21.36 14.10
N TYR A 99 0.22 22.14 13.03
CA TYR A 99 1.39 22.49 12.24
C TYR A 99 2.52 22.96 13.12
N ARG A 100 2.24 23.80 14.11
CA ARG A 100 3.31 24.30 15.03
C ARG A 100 3.92 23.16 15.82
N GLU A 101 3.08 22.33 16.40
CA GLU A 101 3.57 21.19 17.15
C GLU A 101 4.39 20.23 16.32
N LEU A 102 3.94 20.02 15.09
CA LEU A 102 4.65 19.07 14.18
C LEU A 102 6.01 19.57 13.88
N LEU A 103 6.12 20.84 13.58
CA LEU A 103 7.40 21.44 13.28
C LEU A 103 8.31 21.41 14.47
N GLU A 104 7.81 21.86 15.61
CA GLU A 104 8.59 21.84 16.83
C GLU A 104 9.06 20.44 17.22
N ARG A 105 8.23 19.40 17.07
CA ARG A 105 8.65 18.03 17.44
C ARG A 105 9.73 17.49 16.44
N SER A 106 9.54 17.79 15.17
CA SER A 106 10.54 17.41 14.17
C SER A 106 11.87 18.10 14.42
N HIS A 107 11.87 19.38 14.77
CA HIS A 107 13.13 20.08 15.09
C HIS A 107 13.76 19.46 16.33
N ALA A 108 12.97 19.07 17.32
CA ALA A 108 13.50 18.46 18.52
C ALA A 108 14.28 17.22 18.20
N ILE A 109 13.74 16.40 17.30
CA ILE A 109 14.39 15.18 16.87
C ILE A 109 15.66 15.47 16.14
N ALA A 110 15.64 16.46 15.24
CA ALA A 110 16.88 16.79 14.52
C ALA A 110 17.99 17.25 15.54
N SER A 111 17.61 18.10 16.50
CA SER A 111 18.54 18.66 17.48
C SER A 111 19.17 17.56 18.30
N GLU A 112 18.35 16.64 18.78
CA GLU A 112 18.87 15.52 19.55
C GLU A 112 19.80 14.61 18.71
N LEU A 113 19.46 14.33 17.46
CA LEU A 113 20.31 13.47 16.69
C LEU A 113 21.65 14.08 16.29
N ALA A 114 21.66 15.36 15.90
CA ALA A 114 22.88 16.07 15.52
C ALA A 114 23.81 16.19 16.74
N ASN A 115 23.24 16.27 17.94
CA ASN A 115 24.03 16.59 19.14
C ASN A 115 24.29 15.47 20.14
N HIS A 116 24.12 14.23 19.75
CA HIS A 116 24.23 13.13 20.64
C HIS A 116 25.67 13.01 21.09
N ALA A 117 25.82 12.62 22.35
CA ALA A 117 27.12 12.65 23.03
C ALA A 117 28.16 11.80 22.32
N GLU A 118 27.75 10.64 21.81
CA GLU A 118 28.61 9.55 21.32
C GLU A 118 28.45 9.23 19.81
N ALA A 119 27.25 9.39 19.28
CA ALA A 119 26.98 8.99 17.90
C ALA A 119 26.20 10.08 17.19
N PRO A 120 26.76 11.31 17.14
CA PRO A 120 26.08 12.38 16.45
C PRO A 120 26.02 12.07 14.96
N VAL A 121 24.87 12.29 14.35
CA VAL A 121 24.72 12.00 12.94
C VAL A 121 25.17 13.19 12.15
N LYS A 122 25.70 12.99 10.97
CA LYS A 122 25.92 14.15 10.07
C LYS A 122 25.14 14.10 8.78
N ALA A 123 24.98 15.24 8.11
CA ALA A 123 24.39 15.33 6.82
C ALA A 123 25.02 14.32 5.86
N GLY A 124 24.19 13.67 5.02
CA GLY A 124 24.57 12.68 4.09
C GLY A 124 24.52 11.26 4.68
N GLU A 125 24.48 11.04 5.99
CA GLU A 125 24.25 9.66 6.53
C GLU A 125 22.84 9.13 6.24
N PHE A 126 22.67 7.83 6.34
CA PHE A 126 21.39 7.16 5.96
C PHE A 126 20.62 6.86 7.23
N ILE A 127 19.31 7.06 7.18
CA ILE A 127 18.41 6.54 8.21
C ILE A 127 17.38 5.59 7.60
N ALA A 128 17.33 4.39 8.11
CA ALA A 128 16.33 3.40 7.65
C ALA A 128 15.17 3.35 8.64
N THR A 129 13.96 3.14 8.16
CA THR A 129 12.73 3.26 9.04
C THR A 129 11.72 2.18 8.61
N ILE A 130 11.08 1.57 9.59
CA ILE A 130 10.03 0.56 9.33
C ILE A 130 8.80 0.89 10.20
N GLY A 131 7.75 1.31 9.55
CA GLY A 131 6.56 1.67 10.27
C GLY A 131 5.42 1.73 9.28
N PHE A 132 4.27 2.16 9.74
CA PHE A 132 3.08 2.22 8.89
C PHE A 132 3.02 3.67 8.25
N THR A 133 2.16 4.48 8.84
CA THR A 133 2.13 5.91 8.61
C THR A 133 1.47 6.44 9.90
N SER A 134 1.97 7.53 10.43
CA SER A 134 1.60 8.04 11.76
C SER A 134 2.21 9.42 11.98
N THR A 135 1.77 10.14 13.01
CA THR A 135 2.34 11.42 13.44
C THR A 135 3.78 11.29 13.77
N ASP A 136 4.16 10.24 14.50
CA ASP A 136 5.56 10.02 14.83
C ASP A 136 6.39 9.77 13.57
N TYR A 137 5.96 8.86 12.70
CA TYR A 137 6.73 8.55 11.49
C TYR A 137 6.94 9.84 10.65
N THR A 138 5.89 10.63 10.51
CA THR A 138 5.91 11.90 9.79
C THR A 138 6.93 12.90 10.41
N SER A 139 6.91 12.99 11.74
CA SER A 139 7.99 13.72 12.49
C SER A 139 9.40 13.35 12.15
N LEU A 140 9.65 12.07 12.19
CA LEU A 140 10.93 11.53 11.83
C LEU A 140 11.37 11.73 10.40
N ASP A 141 10.43 11.61 9.49
CA ASP A 141 10.66 11.89 8.10
C ASP A 141 11.08 13.31 7.89
N ILE A 142 10.36 14.23 8.51
CA ILE A 142 10.67 15.67 8.41
C ILE A 142 12.04 15.97 9.08
N ALA A 143 12.27 15.43 10.27
CA ALA A 143 13.56 15.57 10.96
C ALA A 143 14.72 15.12 10.05
N GLY A 144 14.60 14.00 9.36
CA GLY A 144 15.64 13.60 8.40
C GLY A 144 15.95 14.67 7.35
N VAL A 145 14.90 15.29 6.78
CA VAL A 145 15.12 16.32 5.82
C VAL A 145 15.88 17.56 6.45
N LEU A 146 15.45 17.98 7.64
CA LEU A 146 16.13 19.05 8.41
C LEU A 146 17.61 18.77 8.66
N LEU A 147 17.97 17.51 8.95
CA LEU A 147 19.36 17.15 9.13
C LEU A 147 20.16 16.89 7.84
N GLY A 148 19.48 16.87 6.70
CA GLY A 148 20.11 16.39 5.44
C GLY A 148 20.44 14.92 5.35
N LEU A 149 19.71 14.06 6.02
CA LEU A 149 19.94 12.65 5.92
C LEU A 149 19.31 12.10 4.65
N THR A 150 19.66 10.87 4.29
CA THR A 150 18.96 10.21 3.24
C THR A 150 18.06 9.17 3.92
N SER A 151 16.78 9.32 3.70
CA SER A 151 15.80 8.38 4.21
C SER A 151 15.53 7.18 3.33
N VAL A 152 15.38 6.02 4.00
CA VAL A 152 15.15 4.74 3.39
C VAL A 152 13.99 4.07 4.10
N PRO A 153 12.77 4.40 3.68
CA PRO A 153 11.62 3.74 4.28
C PRO A 153 11.52 2.33 3.82
N LEU A 154 11.41 1.40 4.75
CA LEU A 154 11.32 -0.04 4.43
C LEU A 154 9.88 -0.63 4.53
N GLN A 155 9.61 -1.67 3.76
CA GLN A 155 8.24 -2.15 3.61
C GLN A 155 7.93 -3.04 4.78
N THR A 156 6.81 -2.78 5.39
CA THR A 156 6.46 -3.50 6.60
C THR A 156 6.21 -4.92 6.32
N GLY A 157 6.02 -5.29 5.06
CA GLY A 157 5.78 -6.70 4.72
C GLY A 157 7.01 -7.43 4.22
N ALA A 158 8.16 -6.75 4.10
CA ALA A 158 9.32 -7.41 3.59
C ALA A 158 9.84 -8.49 4.57
N THR A 159 10.56 -9.45 4.07
CA THR A 159 11.22 -10.45 4.95
C THR A 159 12.51 -9.86 5.53
N THR A 160 13.02 -10.45 6.61
CA THR A 160 14.26 -9.95 7.26
C THR A 160 15.41 -10.18 6.28
N ASP A 161 15.30 -11.13 5.38
CA ASP A 161 16.37 -11.28 4.36
C ASP A 161 16.37 -10.03 3.44
N THR A 162 15.19 -9.54 3.07
CA THR A 162 15.13 -8.38 2.18
C THR A 162 15.54 -7.17 2.94
N LEU A 163 15.11 -7.04 4.21
CA LEU A 163 15.50 -5.88 4.98
C LEU A 163 16.99 -5.81 5.15
N LYS A 164 17.61 -6.95 5.43
CA LYS A 164 19.07 -7.01 5.57
C LYS A 164 19.82 -6.68 4.33
N ALA A 165 19.34 -7.12 3.16
CA ALA A 165 19.93 -6.72 1.90
C ALA A 165 19.87 -5.22 1.62
N ILE A 166 18.76 -4.57 1.96
CA ILE A 166 18.64 -3.17 1.72
C ILE A 166 19.54 -2.38 2.69
N ALA A 167 19.56 -2.82 3.93
CA ALA A 167 20.38 -2.25 4.94
C ALA A 167 21.85 -2.49 4.65
N GLU A 168 22.22 -3.65 4.12
CA GLU A 168 23.63 -3.83 3.74
C GLU A 168 24.02 -2.84 2.64
N GLU A 169 23.16 -2.68 1.65
CA GLU A 169 23.39 -1.77 0.56
C GLU A 169 23.47 -0.28 0.99
N THR A 170 22.66 0.16 1.95
CA THR A 170 22.57 1.56 2.26
C THR A 170 23.38 1.89 3.51
N ALA A 171 23.72 0.91 4.35
CA ALA A 171 24.62 1.14 5.52
C ALA A 171 24.10 2.22 6.45
N PRO A 172 22.82 2.12 6.88
CA PRO A 172 22.33 3.24 7.66
C PRO A 172 23.04 3.39 8.99
N ALA A 173 23.10 4.61 9.43
CA ALA A 173 23.61 4.92 10.75
C ALA A 173 22.56 4.92 11.86
N VAL A 174 21.32 5.20 11.50
CA VAL A 174 20.22 5.27 12.47
C VAL A 174 19.12 4.37 11.88
N PHE A 175 18.49 3.52 12.72
CA PHE A 175 17.36 2.71 12.30
C PHE A 175 16.18 3.15 13.17
N GLY A 176 15.05 3.44 12.56
CA GLY A 176 13.82 3.73 13.29
C GLY A 176 12.72 2.71 13.04
N ALA A 177 11.93 2.44 14.06
CA ALA A 177 10.91 1.42 13.98
C ALA A 177 9.74 1.70 14.86
N SER A 178 8.56 1.43 14.35
CA SER A 178 7.38 1.43 15.20
C SER A 178 7.48 0.17 16.16
N VAL A 179 6.81 0.25 17.30
CA VAL A 179 6.82 -0.81 18.29
C VAL A 179 6.37 -2.10 17.62
N GLU A 180 5.34 -2.06 16.78
CA GLU A 180 4.86 -3.25 16.05
C GLU A 180 5.94 -4.00 15.25
N HIS A 181 6.83 -3.25 14.63
CA HIS A 181 7.87 -3.86 13.84
C HIS A 181 9.26 -3.96 14.50
N LEU A 182 9.32 -3.72 15.80
CA LEU A 182 10.63 -3.61 16.46
C LEU A 182 11.45 -4.85 16.40
N ASP A 183 10.83 -6.03 16.57
CA ASP A 183 11.62 -7.23 16.51
C ASP A 183 12.33 -7.48 15.15
N ASN A 184 11.65 -7.28 14.03
CA ASN A 184 12.38 -7.29 12.78
C ASN A 184 13.43 -6.17 12.69
N ALA A 185 13.15 -5.05 13.32
CA ALA A 185 14.15 -3.93 13.29
C ALA A 185 15.42 -4.36 14.08
N VAL A 186 15.25 -5.09 15.19
CA VAL A 186 16.43 -5.58 15.96
C VAL A 186 17.27 -6.57 15.18
N THR A 187 16.61 -7.49 14.50
CA THR A 187 17.26 -8.48 13.64
C THR A 187 18.06 -7.83 12.52
N THR A 188 17.44 -6.85 11.84
CA THR A 188 18.16 -6.15 10.84
C THR A 188 19.37 -5.44 11.43
N ALA A 189 19.17 -4.78 12.56
CA ALA A 189 20.21 -3.92 13.13
C ALA A 189 21.45 -4.70 13.56
N LEU A 190 21.20 -5.87 14.18
CA LEU A 190 22.23 -6.83 14.50
C LEU A 190 23.04 -7.33 13.32
N ALA A 191 22.49 -7.30 12.13
CA ALA A 191 23.26 -7.74 10.95
C ALA A 191 23.87 -6.57 10.21
N THR A 192 23.72 -5.36 10.71
CA THR A 192 24.08 -4.16 9.98
C THR A 192 25.02 -3.39 10.90
N PRO A 193 26.32 -3.63 10.74
CA PRO A 193 27.24 -2.95 11.70
C PRO A 193 27.25 -1.44 11.68
N SER A 194 26.84 -0.79 10.61
CA SER A 194 26.80 0.68 10.61
C SER A 194 25.76 1.25 11.56
N VAL A 195 24.78 0.45 12.04
CA VAL A 195 23.68 1.05 12.83
C VAL A 195 24.19 1.37 14.23
N ARG A 196 24.13 2.64 14.62
CA ARG A 196 24.57 3.11 15.96
C ARG A 196 23.42 3.30 16.95
N ARG A 197 22.21 3.57 16.44
CA ARG A 197 21.07 3.92 17.25
C ARG A 197 19.80 3.28 16.64
N LEU A 198 18.92 2.90 17.54
CA LEU A 198 17.64 2.39 17.22
C LEU A 198 16.63 3.23 17.92
N LEU A 199 15.77 3.87 17.17
CA LEU A 199 14.77 4.74 17.71
C LEU A 199 13.40 4.05 17.61
N VAL A 200 12.62 4.10 18.67
CA VAL A 200 11.39 3.37 18.70
C VAL A 200 10.28 4.38 18.71
N PHE A 201 9.42 4.35 17.66
CA PHE A 201 8.32 5.27 17.58
C PHE A 201 6.91 4.59 17.65
N ASP A 202 5.86 5.40 17.61
CA ASP A 202 4.46 4.96 17.94
C ASP A 202 4.43 4.20 19.29
N TYR A 203 5.18 4.69 20.25
CA TYR A 203 5.32 4.12 21.56
C TYR A 203 4.31 4.88 22.45
N ARG A 204 3.43 4.14 23.10
CA ARG A 204 2.44 4.76 24.02
C ARG A 204 2.89 4.57 25.46
N GLN A 205 3.28 5.67 26.07
CA GLN A 205 3.78 5.67 27.44
C GLN A 205 2.64 5.19 28.33
N GLY A 206 2.97 4.31 29.26
CA GLY A 206 1.99 3.73 30.17
C GLY A 206 1.27 2.53 29.63
N VAL A 207 1.48 2.15 28.35
CA VAL A 207 0.87 0.87 27.85
C VAL A 207 1.79 -0.36 27.99
N ASP A 208 1.35 -1.35 28.75
CA ASP A 208 2.22 -2.45 29.09
C ASP A 208 2.78 -3.18 27.88
N GLU A 209 1.98 -3.45 26.87
CA GLU A 209 2.58 -4.18 25.76
C GLU A 209 3.71 -3.42 25.02
N ASP A 210 3.58 -2.10 24.90
CA ASP A 210 4.67 -1.30 24.32
C ASP A 210 5.92 -1.39 25.17
N ARG A 211 5.81 -1.16 26.48
CA ARG A 211 6.95 -1.21 27.42
C ARG A 211 7.71 -2.56 27.33
N GLU A 212 6.94 -3.62 27.22
CA GLU A 212 7.50 -4.97 27.08
C GLU A 212 8.21 -5.25 25.79
N ALA A 213 7.70 -4.73 24.68
CA ALA A 213 8.38 -4.93 23.42
C ALA A 213 9.76 -4.22 23.39
N VAL A 214 9.86 -3.02 23.98
CA VAL A 214 11.12 -2.27 24.14
C VAL A 214 12.08 -3.02 25.09
N GLU A 215 11.58 -3.54 26.20
CA GLU A 215 12.41 -4.36 27.10
C GLU A 215 12.95 -5.56 26.36
N ALA A 216 12.12 -6.23 25.55
CA ALA A 216 12.62 -7.40 24.85
C ALA A 216 13.65 -7.04 23.81
N ALA A 217 13.48 -5.87 23.11
CA ALA A 217 14.52 -5.44 22.18
C ALA A 217 15.85 -5.25 22.90
N ARG A 218 15.83 -4.52 23.99
CA ARG A 218 17.09 -4.29 24.79
C ARG A 218 17.71 -5.60 25.22
N SER A 219 16.89 -6.60 25.61
CA SER A 219 17.50 -7.89 25.94
C SER A 219 18.18 -8.56 24.79
N ARG A 220 17.58 -8.49 23.58
CA ARG A 220 18.21 -9.10 22.47
C ARG A 220 19.50 -8.44 22.11
N LEU A 221 19.49 -7.11 22.08
CA LEU A 221 20.72 -6.37 21.87
C LEU A 221 21.78 -6.69 22.97
N ALA A 222 21.34 -6.78 24.21
CA ALA A 222 22.25 -7.21 25.36
C ALA A 222 22.88 -8.54 25.13
N GLU A 223 22.07 -9.53 24.75
CA GLU A 223 22.54 -10.87 24.62
C GLU A 223 23.54 -10.93 23.49
N ALA A 224 23.45 -10.03 22.52
CA ALA A 224 24.36 -10.07 21.36
C ALA A 224 25.65 -9.29 21.61
N GLY A 225 25.71 -8.63 22.75
CA GLY A 225 26.80 -7.72 23.08
C GLY A 225 26.87 -6.53 22.17
N SER A 226 25.72 -6.08 21.73
CA SER A 226 25.66 -5.07 20.68
C SER A 226 25.93 -3.71 21.29
N ALA A 227 26.57 -2.85 20.54
CA ALA A 227 26.78 -1.50 21.04
C ALA A 227 25.63 -0.58 20.65
N VAL A 228 24.61 -1.10 19.96
CA VAL A 228 23.50 -0.28 19.51
C VAL A 228 22.72 0.28 20.67
N LEU A 229 22.47 1.57 20.62
CA LEU A 229 21.70 2.30 21.61
C LEU A 229 20.23 2.44 21.27
N VAL A 230 19.36 2.16 22.23
CA VAL A 230 17.93 2.22 22.05
C VAL A 230 17.28 3.43 22.77
N ASP A 231 16.45 4.18 22.08
CA ASP A 231 15.80 5.30 22.68
C ASP A 231 14.39 5.29 22.19
N THR A 232 13.42 5.70 23.00
CA THR A 232 12.11 5.93 22.45
C THR A 232 12.06 7.27 21.77
N LEU A 233 11.15 7.43 20.82
CA LEU A 233 11.05 8.73 20.15
C LEU A 233 10.66 9.90 21.10
N ASP A 234 9.79 9.61 22.04
CA ASP A 234 9.36 10.57 23.10
C ASP A 234 10.49 11.19 23.86
N GLU A 235 11.38 10.34 24.33
CA GLU A 235 12.58 10.68 25.00
C GLU A 235 13.51 11.53 24.15
N VAL A 236 13.68 11.15 22.89
CA VAL A 236 14.47 11.97 21.94
C VAL A 236 13.91 13.40 21.78
N ILE A 237 12.61 13.50 21.67
CA ILE A 237 11.95 14.80 21.49
C ILE A 237 12.11 15.61 22.82
N ALA A 238 11.87 14.96 23.95
CA ALA A 238 12.00 15.61 25.30
C ALA A 238 13.35 16.24 25.40
N ARG A 239 14.38 15.48 25.03
CA ARG A 239 15.74 15.99 25.04
C ARG A 239 15.97 17.14 24.01
N GLY A 240 15.48 16.95 22.79
CA GLY A 240 15.66 17.90 21.76
C GLY A 240 15.01 19.23 21.96
N ARG A 241 13.86 19.27 22.64
CA ARG A 241 13.14 20.50 22.93
C ARG A 241 14.01 21.44 23.73
N ALA A 242 14.91 20.89 24.54
CA ALA A 242 15.81 21.69 25.35
C ALA A 242 17.06 22.14 24.62
N LEU A 243 17.24 21.79 23.34
CA LEU A 243 18.45 22.15 22.60
C LEU A 243 18.14 23.19 21.53
N PRO A 244 19.16 23.95 21.07
CA PRO A 244 18.90 24.82 19.94
C PRO A 244 18.60 24.05 18.63
N ARG A 245 17.84 24.71 17.76
CA ARG A 245 17.41 24.18 16.47
C ARG A 245 18.65 23.99 15.64
N VAL A 246 18.68 23.01 14.73
CA VAL A 246 19.79 22.89 13.80
C VAL A 246 19.70 24.03 12.76
N ALA A 247 20.79 24.37 12.07
CA ALA A 247 20.78 25.43 11.05
C ALA A 247 20.34 24.92 9.67
N LEU A 248 19.40 25.59 9.08
CA LEU A 248 19.00 25.28 7.72
C LEU A 248 19.71 26.19 6.76
N PRO A 249 20.07 25.69 5.56
CA PRO A 249 19.93 24.30 5.07
C PRO A 249 21.02 23.45 5.64
N PRO A 250 20.87 22.11 5.64
CA PRO A 250 21.89 21.25 6.27
C PRO A 250 23.10 21.22 5.34
N ALA A 251 24.24 20.74 5.87
CA ALA A 251 25.56 20.71 5.18
C ALA A 251 25.81 19.50 4.24
N THR A 252 24.97 19.36 3.25
CA THR A 252 25.03 18.27 2.31
C THR A 252 25.98 18.68 1.13
N ASP A 253 26.28 17.74 0.25
CA ASP A 253 27.31 17.97 -0.76
C ASP A 253 26.81 18.66 -2.05
N ALA A 254 25.53 18.55 -2.38
CA ALA A 254 25.10 18.88 -3.72
C ALA A 254 23.90 19.79 -3.83
N GLY A 255 23.60 20.56 -2.79
CA GLY A 255 22.40 21.35 -2.80
C GLY A 255 21.15 20.56 -3.12
N ASP A 256 20.37 21.09 -4.06
CA ASP A 256 19.16 20.47 -4.64
C ASP A 256 19.31 19.06 -5.20
N ASP A 257 20.52 18.75 -5.57
CA ASP A 257 20.89 17.45 -6.08
C ASP A 257 21.30 16.50 -4.97
N SER A 258 21.29 16.90 -3.71
CA SER A 258 21.65 16.04 -2.59
C SER A 258 20.58 14.89 -2.43
N LEU A 259 21.06 13.71 -2.15
CA LEU A 259 20.21 12.52 -2.04
C LEU A 259 19.37 12.62 -0.77
N SER A 260 18.07 12.77 -0.93
CA SER A 260 17.22 13.00 0.25
C SER A 260 16.45 11.69 0.65
N LEU A 261 16.17 10.86 -0.33
CA LEU A 261 15.27 9.71 -0.19
C LEU A 261 15.56 8.62 -1.20
N LEU A 262 15.37 7.37 -0.75
CA LEU A 262 15.43 6.21 -1.59
C LEU A 262 14.05 5.52 -1.46
N ILE A 263 13.36 5.32 -2.58
CA ILE A 263 12.12 4.57 -2.64
C ILE A 263 12.42 3.23 -3.30
N TYR A 264 12.44 2.14 -2.51
CA TYR A 264 12.74 0.82 -3.06
C TYR A 264 11.53 0.28 -3.88
N THR A 265 11.74 -0.23 -5.10
CA THR A 265 10.71 -0.74 -5.98
C THR A 265 11.21 -2.01 -6.69
N SER A 266 10.28 -2.88 -7.02
CA SER A 266 10.62 -4.12 -7.73
C SER A 266 10.07 -4.19 -9.11
N GLY A 267 9.56 -3.06 -9.60
CA GLY A 267 8.88 -3.08 -10.90
C GLY A 267 9.79 -3.44 -12.07
N SER A 268 10.93 -2.77 -12.15
CA SER A 268 11.83 -2.97 -13.29
C SER A 268 12.63 -4.27 -13.28
N THR A 269 12.76 -4.99 -12.15
CA THR A 269 13.64 -6.21 -12.12
C THR A 269 13.08 -7.39 -11.35
N GLY A 270 12.06 -7.16 -10.56
CA GLY A 270 11.54 -8.19 -9.68
C GLY A 270 12.07 -8.27 -8.27
N THR A 271 13.15 -7.53 -7.96
CA THR A 271 13.72 -7.48 -6.58
C THR A 271 14.01 -6.01 -6.29
N PRO A 272 14.17 -5.66 -4.98
CA PRO A 272 14.11 -4.24 -4.70
C PRO A 272 15.33 -3.48 -5.17
N LYS A 273 15.09 -2.33 -5.77
CA LYS A 273 16.12 -1.47 -6.25
C LYS A 273 15.79 -0.10 -5.76
N GLY A 274 16.82 0.69 -5.44
CA GLY A 274 16.57 1.89 -4.75
C GLY A 274 16.45 3.09 -5.65
N ALA A 275 15.23 3.52 -5.88
CA ALA A 275 15.05 4.70 -6.73
C ALA A 275 15.53 5.94 -6.05
N MET A 276 16.45 6.62 -6.67
CA MET A 276 17.05 7.82 -6.03
C MET A 276 16.17 9.06 -6.17
N TYR A 277 15.86 9.71 -5.02
CA TYR A 277 15.13 10.95 -4.97
C TYR A 277 16.04 12.04 -4.44
N PRO A 278 16.61 12.88 -5.33
CA PRO A 278 17.22 14.07 -4.81
C PRO A 278 16.20 15.02 -4.20
N GLU A 279 16.67 15.96 -3.39
CA GLU A 279 15.83 17.00 -2.79
C GLU A 279 14.93 17.74 -3.78
N ARG A 280 15.39 18.00 -5.00
CA ARG A 280 14.53 18.71 -5.99
C ARG A 280 13.32 17.84 -6.40
N ASN A 281 13.45 16.49 -6.34
CA ASN A 281 12.31 15.61 -6.65
C ASN A 281 11.37 15.39 -5.46
N VAL A 282 11.92 15.30 -4.25
CA VAL A 282 11.11 15.23 -3.02
C VAL A 282 10.26 16.49 -2.89
N ALA A 283 10.85 17.65 -3.23
CA ALA A 283 10.11 18.92 -3.21
C ALA A 283 8.81 18.88 -4.00
N GLN A 284 8.73 18.05 -5.02
CA GLN A 284 7.51 17.98 -5.79
C GLN A 284 6.32 17.36 -5.05
N PHE A 285 6.57 16.51 -4.03
CA PHE A 285 5.51 16.10 -3.11
C PHE A 285 4.97 17.20 -2.23
N TRP A 286 5.83 18.09 -1.83
CA TRP A 286 5.40 19.23 -1.02
C TRP A 286 4.89 20.40 -1.81
N GLY A 287 3.73 20.24 -2.41
CA GLY A 287 3.14 21.35 -3.14
C GLY A 287 3.71 21.58 -4.52
N GLY A 288 4.39 20.57 -5.07
CA GLY A 288 5.05 20.73 -6.32
C GLY A 288 4.17 20.11 -7.36
N ILE A 289 4.80 19.58 -8.38
CA ILE A 289 4.07 19.10 -9.52
C ILE A 289 3.20 17.86 -9.26
N TRP A 290 3.41 17.10 -8.21
CA TRP A 290 2.47 16.05 -7.97
C TRP A 290 1.03 16.56 -7.65
N HIS A 291 0.81 17.83 -7.29
CA HIS A 291 -0.57 18.42 -7.31
C HIS A 291 -1.41 17.96 -8.49
N ASN A 292 -0.80 18.07 -9.69
CA ASN A 292 -1.47 17.91 -10.98
C ASN A 292 -1.78 16.45 -11.51
N ALA A 293 -1.24 15.42 -10.81
CA ALA A 293 -1.60 13.97 -11.02
C ALA A 293 -3.08 13.78 -11.04
N PHE A 294 -3.72 14.53 -10.15
CA PHE A 294 -5.14 14.50 -9.90
C PHE A 294 -5.75 15.88 -10.13
N ASP A 295 -4.91 16.93 -10.11
CA ASP A 295 -5.27 18.35 -10.36
C ASP A 295 -5.50 19.11 -9.06
N PRO A 301 -9.25 26.54 -8.77
CA PRO A 301 -10.13 26.44 -7.58
C PRO A 301 -9.45 25.76 -6.40
N ASP A 302 -9.42 26.45 -5.25
CA ASP A 302 -8.68 26.02 -4.03
C ASP A 302 -9.50 25.23 -2.99
N VAL A 303 -9.34 23.91 -3.00
CA VAL A 303 -10.15 22.99 -2.19
C VAL A 303 -9.58 22.74 -0.78
N PRO A 304 -10.44 22.73 0.26
CA PRO A 304 -9.88 22.39 1.57
C PRO A 304 -9.59 20.91 1.61
N ASP A 305 -8.40 20.51 2.09
CA ASP A 305 -7.92 19.15 1.98
C ASP A 305 -8.05 18.47 3.31
N ILE A 306 -9.09 17.65 3.46
CA ILE A 306 -9.20 16.81 4.64
C ILE A 306 -9.21 15.38 4.09
N MET A 307 -8.26 14.54 4.49
CA MET A 307 -8.01 13.28 3.86
C MET A 307 -7.78 12.22 4.91
N VAL A 308 -8.22 11.03 4.61
CA VAL A 308 -7.92 9.88 5.47
C VAL A 308 -6.75 9.17 4.78
N ASN A 309 -5.64 8.90 5.48
CA ASN A 309 -4.52 8.28 4.78
C ASN A 309 -4.33 6.82 5.28
N PHE A 310 -4.47 5.85 4.36
CA PHE A 310 -4.38 4.41 4.65
C PHE A 310 -3.13 3.79 4.02
N MET A 311 -2.32 4.56 3.29
CA MET A 311 -1.20 4.05 2.49
C MET A 311 0.11 4.20 3.28
N PRO A 312 0.91 3.13 3.34
CA PRO A 312 2.21 3.26 4.02
C PRO A 312 3.07 4.32 3.43
N LEU A 313 3.88 4.92 4.29
CA LEU A 313 4.77 5.97 3.90
C LEU A 313 5.79 5.45 2.93
N SER A 314 6.09 4.15 3.01
CA SER A 314 7.09 3.56 2.11
C SER A 314 6.62 3.47 0.62
N HIS A 315 5.32 3.68 0.38
CA HIS A 315 4.73 3.53 -0.96
C HIS A 315 4.63 4.97 -1.45
N VAL A 316 5.09 5.27 -2.64
CA VAL A 316 5.02 6.65 -3.18
C VAL A 316 3.62 7.27 -3.05
N ALA A 317 2.57 6.48 -3.15
CA ALA A 317 1.23 6.98 -2.94
C ALA A 317 0.95 7.45 -1.50
N GLY A 318 1.66 6.90 -0.50
CA GLY A 318 1.48 7.30 0.90
C GLY A 318 2.03 8.70 1.13
N ARG A 319 3.16 8.96 0.49
CA ARG A 319 3.87 10.22 0.52
C ARG A 319 3.17 11.33 -0.28
N ILE A 320 2.60 10.95 -1.40
CA ILE A 320 1.89 11.93 -2.21
C ILE A 320 0.71 12.49 -1.42
N GLY A 321 -0.05 11.63 -0.77
CA GLY A 321 -1.23 12.08 -0.04
C GLY A 321 -0.87 12.92 1.15
N LEU A 322 0.02 12.38 1.95
CA LEU A 322 0.35 12.97 3.21
C LEU A 322 1.04 14.36 3.02
N MET A 323 2.04 14.39 2.18
CA MET A 323 2.72 15.69 1.96
C MET A 323 1.94 16.68 1.14
N GLY A 324 1.06 16.20 0.28
CA GLY A 324 0.12 17.06 -0.41
C GLY A 324 -0.79 17.81 0.54
N THR A 325 -1.21 17.14 1.60
CA THR A 325 -2.16 17.76 2.52
C THR A 325 -1.44 18.69 3.47
N LEU A 326 -0.24 18.33 3.92
CA LEU A 326 0.57 19.29 4.68
C LEU A 326 0.89 20.59 3.89
N SER A 327 1.18 20.47 2.61
CA SER A 327 1.57 21.56 1.84
C SER A 327 0.36 22.42 1.39
N SER A 328 -0.87 21.96 1.60
CA SER A 328 -2.07 22.77 1.38
C SER A 328 -2.75 23.25 2.62
N GLY A 329 -2.15 23.07 3.80
CA GLY A 329 -2.74 23.53 5.07
C GLY A 329 -4.03 22.81 5.53
N GLY A 330 -4.16 21.57 5.04
CA GLY A 330 -5.26 20.69 5.34
C GLY A 330 -4.98 19.82 6.56
N THR A 331 -5.66 18.68 6.63
CA THR A 331 -5.55 17.79 7.77
C THR A 331 -5.60 16.37 7.30
N THR A 332 -4.66 15.57 7.77
CA THR A 332 -4.61 14.17 7.45
C THR A 332 -5.05 13.37 8.67
N TYR A 333 -6.05 12.53 8.48
CA TYR A 333 -6.53 11.58 9.48
C TYR A 333 -5.93 10.23 9.16
N PHE A 334 -5.21 9.69 10.11
CA PHE A 334 -4.59 8.47 9.91
C PHE A 334 -5.52 7.31 10.25
N ILE A 335 -5.58 6.34 9.37
CA ILE A 335 -6.28 5.11 9.65
C ILE A 335 -5.79 4.47 10.99
N ALA A 336 -6.73 4.05 11.84
CA ALA A 336 -6.42 3.73 13.25
C ALA A 336 -5.65 2.45 13.43
N LYS A 337 -5.85 1.49 12.56
CA LYS A 337 -5.14 0.23 12.64
C LYS A 337 -4.49 -0.12 11.32
N SER A 338 -3.31 -0.77 11.40
CA SER A 338 -2.60 -1.26 10.17
C SER A 338 -3.40 -2.25 9.32
N ASP A 339 -4.13 -3.19 9.95
CA ASP A 339 -5.01 -4.12 9.19
C ASP A 339 -6.16 -3.44 8.40
N LEU A 340 -6.38 -2.15 8.63
CA LEU A 340 -7.45 -1.43 7.95
C LEU A 340 -8.87 -1.85 8.40
N SER A 341 -8.95 -2.60 9.49
CA SER A 341 -10.21 -3.11 9.97
C SER A 341 -11.18 -1.97 10.40
N THR A 342 -10.62 -0.82 10.78
CA THR A 342 -11.41 0.36 11.17
C THR A 342 -11.79 1.29 10.00
N PHE A 343 -11.53 0.86 8.77
CA PHE A 343 -11.83 1.66 7.56
C PHE A 343 -13.10 2.55 7.56
N PHE A 344 -14.29 1.95 7.62
CA PHE A 344 -15.51 2.74 7.58
C PHE A 344 -15.71 3.68 8.78
N GLU A 345 -15.39 3.16 9.98
CA GLU A 345 -15.38 3.97 11.21
C GLU A 345 -14.56 5.24 11.01
N ASP A 346 -13.36 5.10 10.41
CA ASP A 346 -12.49 6.20 10.29
C ASP A 346 -13.01 7.21 9.30
N TYR A 347 -13.49 6.78 8.17
CA TYR A 347 -14.06 7.71 7.19
C TYR A 347 -15.35 8.35 7.74
N SER A 348 -16.17 7.55 8.43
CA SER A 348 -17.40 8.11 9.00
C SER A 348 -17.07 9.17 10.06
N LEU A 349 -15.99 9.03 10.82
CA LEU A 349 -15.55 10.06 11.76
C LEU A 349 -14.83 11.27 11.17
N ALA A 350 -13.91 11.06 10.22
CA ALA A 350 -13.08 12.07 9.71
C ALA A 350 -13.84 12.88 8.64
N ARG A 351 -14.71 12.19 7.88
CA ARG A 351 -15.55 12.81 6.87
C ARG A 351 -14.72 13.62 5.88
N PRO A 352 -13.84 12.94 5.09
CA PRO A 352 -12.95 13.72 4.24
C PRO A 352 -13.61 14.46 3.08
N THR A 353 -12.95 15.54 2.63
CA THR A 353 -13.34 16.20 1.39
C THR A 353 -12.66 15.68 0.12
N LYS A 354 -11.56 14.95 0.25
CA LYS A 354 -10.81 14.40 -0.88
C LYS A 354 -10.54 12.94 -0.60
N LEU A 355 -10.77 12.12 -1.61
CA LEU A 355 -10.64 10.65 -1.50
C LEU A 355 -9.59 10.23 -2.52
N PHE A 356 -8.64 9.48 -2.07
CA PHE A 356 -7.78 8.72 -3.02
C PHE A 356 -7.91 7.23 -2.69
N PHE A 357 -8.27 6.43 -3.69
CA PHE A 357 -8.40 4.97 -3.58
C PHE A 357 -7.37 4.25 -4.43
N VAL A 358 -7.00 3.03 -4.02
CA VAL A 358 -6.47 2.10 -4.93
C VAL A 358 -7.65 1.21 -5.33
N PRO A 359 -7.60 0.58 -6.47
CA PRO A 359 -8.74 -0.17 -6.96
C PRO A 359 -9.25 -1.23 -5.98
N ARG A 360 -8.39 -1.81 -5.15
CA ARG A 360 -8.86 -2.81 -4.14
C ARG A 360 -9.89 -2.27 -3.18
N ILE A 361 -9.71 -1.00 -2.77
CA ILE A 361 -10.71 -0.34 -1.92
C ILE A 361 -12.02 -0.19 -2.64
N CYS A 362 -11.97 0.27 -3.90
CA CYS A 362 -13.18 0.32 -4.68
C CYS A 362 -13.89 -1.06 -4.76
N GLU A 363 -13.17 -2.14 -4.96
CA GLU A 363 -13.72 -3.52 -4.99
C GLU A 363 -14.43 -3.84 -3.69
N MET A 364 -13.80 -3.48 -2.57
CA MET A 364 -14.35 -3.72 -1.26
C MET A 364 -15.67 -2.97 -1.00
N ILE A 365 -15.77 -1.73 -1.45
CA ILE A 365 -16.97 -0.96 -1.31
C ILE A 365 -18.09 -1.57 -2.16
N TYR A 366 -17.70 -2.09 -3.30
CA TYR A 366 -18.66 -2.67 -4.19
C TYR A 366 -19.16 -3.95 -3.58
N GLN A 367 -18.27 -4.72 -2.98
CA GLN A 367 -18.63 -5.96 -2.23
C GLN A 367 -19.58 -5.67 -1.06
N HIS A 368 -19.31 -4.59 -0.32
CA HIS A 368 -20.28 -4.10 0.67
C HIS A 368 -21.66 -3.78 0.06
N TYR A 369 -21.67 -3.11 -1.07
CA TYR A 369 -22.92 -2.74 -1.70
C TYR A 369 -23.67 -4.01 -2.12
N GLN A 370 -23.00 -5.01 -2.70
CA GLN A 370 -23.64 -6.33 -2.98
C GLN A 370 -24.21 -7.03 -1.72
N SER A 371 -23.50 -6.89 -0.61
CA SER A 371 -23.93 -7.37 0.70
C SER A 371 -25.22 -6.70 1.17
N GLU A 372 -25.34 -5.39 0.96
CA GLU A 372 -26.49 -4.68 1.42
C GLU A 372 -27.67 -4.97 0.56
N LEU A 373 -27.46 -5.16 -0.73
CA LEU A 373 -28.54 -5.62 -1.64
C LEU A 373 -29.17 -6.88 -1.10
N ASP A 374 -28.35 -7.85 -0.74
CA ASP A 374 -28.81 -9.05 -0.10
C ASP A 374 -29.64 -8.70 1.15
N ARG A 375 -28.99 -8.13 2.17
CA ARG A 375 -29.59 -7.93 3.48
C ARG A 375 -30.98 -7.31 3.47
N ILE A 376 -31.21 -6.34 2.58
CA ILE A 376 -32.52 -5.76 2.39
C ILE A 376 -33.29 -6.43 1.22
N GLY A 377 -32.74 -7.49 0.64
CA GLY A 377 -33.35 -8.12 -0.54
C GLY A 377 -33.85 -7.20 -1.63
N ALA A 378 -33.00 -6.27 -2.09
CA ALA A 378 -33.36 -5.41 -3.22
C ALA A 378 -32.51 -5.82 -4.40
N ALA A 379 -32.70 -5.19 -5.56
CA ALA A 379 -31.92 -5.53 -6.75
C ALA A 379 -31.43 -4.33 -7.55
N ASP A 380 -30.46 -4.63 -8.42
CA ASP A 380 -30.13 -3.83 -9.60
C ASP A 380 -30.07 -2.36 -9.32
N GLY A 381 -30.42 -1.54 -10.30
CA GLY A 381 -30.71 -0.14 -10.04
C GLY A 381 -32.19 -0.04 -9.74
N SER A 382 -32.56 -0.35 -8.50
CA SER A 382 -33.90 -0.12 -7.95
C SER A 382 -33.77 0.99 -6.90
N PRO A 383 -34.88 1.71 -6.59
CA PRO A 383 -34.90 2.83 -5.63
C PRO A 383 -34.35 2.60 -4.22
N GLN A 384 -34.48 1.40 -3.67
CA GLN A 384 -33.87 1.10 -2.39
C GLN A 384 -32.39 0.72 -2.55
N ALA A 385 -32.02 0.19 -3.71
CA ALA A 385 -30.59 0.02 -4.04
C ALA A 385 -29.92 1.40 -4.10
N GLU A 386 -30.59 2.38 -4.71
CA GLU A 386 -30.12 3.75 -4.69
C GLU A 386 -29.98 4.31 -3.27
N ALA A 387 -30.90 3.97 -2.37
CA ALA A 387 -30.75 4.31 -0.96
C ALA A 387 -29.48 3.71 -0.30
N ILE A 388 -28.99 2.58 -0.79
CA ILE A 388 -27.74 2.06 -0.23
C ILE A 388 -26.54 2.97 -0.63
N LYS A 389 -26.59 3.52 -1.82
CA LYS A 389 -25.55 4.34 -2.39
C LYS A 389 -25.57 5.63 -1.66
N THR A 390 -26.75 6.17 -1.41
CA THR A 390 -26.86 7.36 -0.59
C THR A 390 -26.27 7.21 0.82
N GLU A 391 -26.52 6.11 1.47
CA GLU A 391 -25.93 5.97 2.80
C GLU A 391 -24.38 5.74 2.73
N LEU A 392 -23.87 5.03 1.72
CA LEU A 392 -22.39 5.03 1.50
C LEU A 392 -21.82 6.48 1.38
N ARG A 393 -22.35 7.25 0.45
CA ARG A 393 -21.87 8.55 0.19
C ARG A 393 -22.06 9.50 1.35
N GLU A 394 -23.24 9.46 1.97
CA GLU A 394 -23.58 10.43 3.01
C GLU A 394 -23.11 10.08 4.39
N LYS A 395 -23.13 8.79 4.77
CA LYS A 395 -22.83 8.39 6.15
C LYS A 395 -21.52 7.67 6.28
N LEU A 396 -21.39 6.58 5.57
CA LEU A 396 -20.21 5.75 5.67
C LEU A 396 -18.94 6.45 5.23
N LEU A 397 -19.04 7.26 4.17
CA LEU A 397 -17.89 8.02 3.64
C LEU A 397 -17.92 9.47 4.11
N GLY A 398 -18.99 9.89 4.79
CA GLY A 398 -19.02 11.10 5.62
C GLY A 398 -19.67 12.30 4.97
N GLY A 399 -20.06 12.17 3.72
CA GLY A 399 -20.88 13.15 3.08
C GLY A 399 -20.25 14.44 2.61
N ARG A 400 -18.93 14.61 2.75
CA ARG A 400 -18.27 15.87 2.31
C ARG A 400 -17.31 15.67 1.15
N VAL A 401 -17.36 14.53 0.47
CA VAL A 401 -16.42 14.27 -0.66
C VAL A 401 -16.66 15.26 -1.75
N LEU A 402 -15.68 16.14 -1.99
CA LEU A 402 -15.65 16.97 -3.19
C LEU A 402 -14.95 16.48 -4.43
N THR A 403 -13.80 15.85 -4.22
CA THR A 403 -13.05 15.20 -5.33
C THR A 403 -12.56 13.84 -4.94
N ALA A 404 -12.32 13.01 -5.96
CA ALA A 404 -11.89 11.68 -5.72
C ALA A 404 -10.93 11.29 -6.85
N GLY A 405 -9.99 10.42 -6.53
CA GLY A 405 -9.07 9.87 -7.50
C GLY A 405 -8.74 8.40 -7.17
N SER A 406 -8.27 7.65 -8.19
CA SER A 406 -7.50 6.47 -7.95
C SER A 406 -6.31 6.29 -8.90
N GLY A 407 -5.48 5.35 -8.55
CA GLY A 407 -4.23 5.11 -9.27
C GLY A 407 -3.48 3.97 -8.59
N SER A 408 -2.28 3.68 -9.09
CA SER A 408 -1.45 2.52 -8.69
C SER A 408 -1.72 1.28 -9.43
N ALA A 409 -2.90 1.17 -10.04
CA ALA A 409 -3.29 -0.01 -10.79
C ALA A 409 -4.51 0.37 -11.58
N PRO A 410 -4.80 -0.33 -12.67
CA PRO A 410 -5.97 0.04 -13.49
C PRO A 410 -7.29 -0.34 -12.84
N MET A 411 -8.33 0.32 -13.27
CA MET A 411 -9.67 0.03 -12.79
C MET A 411 -10.58 -0.31 -13.95
N SER A 412 -11.41 -1.34 -13.77
CA SER A 412 -12.43 -1.67 -14.76
C SER A 412 -13.36 -0.50 -14.98
N PRO A 413 -13.92 -0.37 -16.20
CA PRO A 413 -14.96 0.62 -16.45
C PRO A 413 -16.22 0.44 -15.61
N GLU A 414 -16.60 -0.82 -15.32
CA GLU A 414 -17.77 -1.10 -14.44
C GLU A 414 -17.55 -0.61 -13.02
N LEU A 415 -16.38 -0.88 -12.45
CA LEU A 415 -16.06 -0.36 -11.11
C LEU A 415 -15.99 1.17 -11.07
N THR A 416 -15.34 1.76 -12.05
CA THR A 416 -15.36 3.25 -12.15
C THR A 416 -16.82 3.80 -12.19
N ALA A 417 -17.64 3.24 -13.06
CA ALA A 417 -19.10 3.65 -13.16
C ALA A 417 -19.80 3.52 -11.80
N PHE A 418 -19.56 2.42 -11.10
CA PHE A 418 -20.18 2.23 -9.78
C PHE A 418 -19.72 3.25 -8.75
N ILE A 419 -18.41 3.38 -8.54
CA ILE A 419 -17.88 4.37 -7.60
C ILE A 419 -18.39 5.79 -7.91
N GLU A 420 -18.47 6.14 -9.16
CA GLU A 420 -18.91 7.49 -9.51
C GLU A 420 -20.42 7.67 -9.21
N SER A 421 -21.20 6.59 -9.38
CA SER A 421 -22.67 6.64 -9.09
C SER A 421 -22.88 6.69 -7.59
N VAL A 422 -21.93 6.17 -6.83
CA VAL A 422 -22.02 6.34 -5.36
C VAL A 422 -21.65 7.76 -4.91
N LEU A 423 -20.49 8.22 -5.31
CA LEU A 423 -19.94 9.48 -4.82
C LEU A 423 -20.56 10.68 -5.42
N GLN A 424 -21.15 10.53 -6.60
CA GLN A 424 -21.65 11.67 -7.37
C GLN A 424 -20.59 12.74 -7.61
N VAL A 425 -19.37 12.29 -7.95
CA VAL A 425 -18.33 13.18 -8.44
C VAL A 425 -17.48 12.35 -9.39
N HIS A 426 -16.71 13.04 -10.21
CA HIS A 426 -15.84 12.39 -11.17
C HIS A 426 -14.64 11.72 -10.47
N LEU A 427 -14.36 10.49 -10.84
CA LEU A 427 -13.25 9.77 -10.32
C LEU A 427 -12.05 9.92 -11.28
N VAL A 428 -11.11 10.76 -10.88
CA VAL A 428 -9.89 10.94 -11.66
C VAL A 428 -8.97 9.73 -11.66
N ASP A 429 -8.46 9.40 -12.84
CA ASP A 429 -7.45 8.30 -12.91
C ASP A 429 -6.09 8.91 -13.08
N GLY A 430 -5.20 8.64 -12.12
CA GLY A 430 -3.85 9.15 -12.13
C GLY A 430 -2.87 8.07 -12.33
N TYR A 431 -2.13 8.15 -13.43
CA TYR A 431 -1.01 7.21 -13.78
C TYR A 431 0.36 7.91 -13.60
N GLY A 432 1.26 7.26 -12.90
CA GLY A 432 2.64 7.61 -12.84
C GLY A 432 3.39 6.56 -12.08
N SER A 433 4.63 6.85 -11.72
CA SER A 433 5.48 5.89 -11.08
C SER A 433 6.53 6.57 -10.19
N THR A 434 7.12 5.73 -9.39
CA THR A 434 8.26 6.05 -8.58
C THR A 434 9.41 6.63 -9.42
N GLU A 435 9.69 6.01 -10.54
CA GLU A 435 10.75 6.43 -11.40
C GLU A 435 10.45 7.74 -12.20
N ALA A 436 9.26 7.89 -12.74
CA ALA A 436 8.91 8.98 -13.63
C ALA A 436 8.20 10.15 -13.03
N GLY A 437 7.59 10.00 -11.88
CA GLY A 437 6.66 11.02 -11.39
C GLY A 437 5.28 10.85 -12.02
N PRO A 438 4.46 11.90 -11.96
CA PRO A 438 3.14 11.79 -12.60
C PRO A 438 3.24 11.86 -14.12
N VAL A 439 2.49 11.01 -14.83
CA VAL A 439 2.60 10.85 -16.27
C VAL A 439 1.28 11.13 -17.00
N TRP A 440 0.15 10.65 -16.50
CA TRP A 440 -1.14 11.05 -17.11
C TRP A 440 -2.25 11.21 -16.08
N ARG A 441 -3.24 11.97 -16.50
CA ARG A 441 -4.44 12.33 -15.77
C ARG A 441 -5.62 12.09 -16.73
N ASP A 442 -6.46 11.09 -16.43
CA ASP A 442 -7.64 10.80 -17.29
C ASP A 442 -7.22 10.69 -18.76
N ARG A 443 -6.27 9.82 -19.00
CA ARG A 443 -5.65 9.56 -20.30
C ARG A 443 -4.60 10.55 -20.82
N LYS A 444 -4.64 11.79 -20.38
CA LYS A 444 -3.87 12.85 -21.05
C LYS A 444 -2.55 13.10 -20.37
N LEU A 445 -1.46 13.10 -21.13
CA LEU A 445 -0.13 13.35 -20.60
C LEU A 445 -0.05 14.61 -19.76
N VAL A 446 0.68 14.58 -18.65
CA VAL A 446 0.78 15.68 -17.73
C VAL A 446 2.01 16.45 -18.18
N LYS A 447 1.81 17.64 -18.77
CA LYS A 447 2.93 18.42 -19.38
C LYS A 447 2.89 19.83 -18.86
N PRO A 448 3.84 20.26 -18.04
CA PRO A 448 4.93 19.49 -17.41
C PRO A 448 4.41 18.48 -16.42
N PRO A 449 5.23 17.48 -16.06
CA PRO A 449 6.67 17.38 -16.33
C PRO A 449 7.05 16.61 -17.60
N VAL A 450 6.11 15.88 -18.23
CA VAL A 450 6.43 15.07 -19.39
C VAL A 450 6.68 16.03 -20.55
N THR A 451 7.73 15.78 -21.31
CA THR A 451 8.11 16.62 -22.41
C THR A 451 8.05 15.88 -23.76
N GLU A 452 8.25 14.56 -23.79
CA GLU A 452 8.19 13.82 -25.05
C GLU A 452 7.76 12.40 -24.76
N HIS A 453 7.19 11.74 -25.75
CA HIS A 453 6.85 10.30 -25.59
C HIS A 453 6.93 9.58 -26.90
N LYS A 454 7.01 8.26 -26.82
CA LYS A 454 6.78 7.45 -27.97
C LYS A 454 6.31 6.07 -27.53
N LEU A 455 5.90 5.27 -28.50
CA LEU A 455 5.59 3.86 -28.27
C LEU A 455 6.63 2.90 -28.85
N ILE A 456 6.94 1.80 -28.15
CA ILE A 456 7.91 0.84 -28.60
C ILE A 456 7.20 -0.50 -28.80
N ASP A 457 7.40 -1.17 -29.95
CA ASP A 457 6.63 -2.36 -30.34
C ASP A 457 7.03 -3.50 -29.41
N VAL A 458 6.12 -4.42 -29.08
CA VAL A 458 6.46 -5.60 -28.30
C VAL A 458 5.97 -6.77 -29.15
N PRO A 459 6.81 -7.16 -30.14
CA PRO A 459 6.40 -8.21 -31.07
C PRO A 459 6.12 -9.55 -30.37
N GLU A 460 6.90 -9.91 -29.38
CA GLU A 460 6.63 -11.16 -28.63
C GLU A 460 5.20 -11.23 -28.04
N LEU A 461 4.60 -10.07 -27.70
CA LEU A 461 3.27 -10.06 -27.13
C LEU A 461 2.27 -9.61 -28.11
N GLY A 462 2.72 -9.31 -29.30
CA GLY A 462 1.78 -8.93 -30.31
C GLY A 462 1.29 -7.53 -30.28
N TYR A 463 2.04 -6.56 -29.75
CA TYR A 463 1.57 -5.20 -29.83
C TYR A 463 2.49 -4.38 -30.67
N PHE A 464 1.91 -3.54 -31.52
CA PHE A 464 2.60 -2.85 -32.62
C PHE A 464 1.95 -1.52 -32.82
N SER A 465 2.74 -0.51 -33.20
CA SER A 465 2.19 0.78 -33.53
C SER A 465 1.31 0.81 -34.74
N THR A 466 1.32 -0.25 -35.55
CA THR A 466 0.45 -0.31 -36.69
C THR A 466 -0.88 -1.00 -36.33
N ASP A 467 -1.15 -1.30 -35.05
CA ASP A 467 -2.38 -2.06 -34.70
C ASP A 467 -3.59 -1.19 -34.99
N SER A 468 -4.73 -1.83 -35.21
CA SER A 468 -5.99 -1.08 -35.46
C SER A 468 -6.98 -1.56 -34.43
N PRO A 469 -7.88 -0.68 -33.95
CA PRO A 469 -8.00 0.76 -34.29
C PRO A 469 -6.93 1.68 -33.68
N TYR A 470 -6.18 1.17 -32.72
CA TYR A 470 -5.25 2.05 -31.99
C TYR A 470 -3.84 1.50 -31.90
N PRO A 471 -2.87 2.33 -32.19
CA PRO A 471 -1.48 1.90 -31.92
C PRO A 471 -1.25 1.33 -30.49
N ARG A 472 -0.49 0.26 -30.36
CA ARG A 472 -0.13 -0.21 -29.06
C ARG A 472 1.37 -0.39 -28.94
N GLY A 473 1.90 -0.18 -27.74
CA GLY A 473 3.32 -0.44 -27.52
C GLY A 473 3.73 -0.06 -26.10
N GLU A 474 4.98 -0.29 -25.73
CA GLU A 474 5.50 0.17 -24.42
C GLU A 474 5.65 1.69 -24.52
N LEU A 475 5.21 2.35 -23.46
CA LEU A 475 5.31 3.79 -23.37
C LEU A 475 6.72 4.13 -22.91
N ALA A 476 7.31 5.10 -23.61
CA ALA A 476 8.65 5.61 -23.30
C ALA A 476 8.54 7.08 -23.24
N ILE A 477 9.19 7.71 -22.26
CA ILE A 477 9.01 9.16 -22.01
C ILE A 477 10.29 9.85 -21.60
N LYS A 478 10.35 11.12 -21.91
CA LYS A 478 11.29 12.12 -21.25
C LYS A 478 10.48 13.04 -20.41
N THR A 479 10.88 13.22 -19.17
CA THR A 479 10.12 13.94 -18.18
C THR A 479 11.09 14.65 -17.21
N GLN A 480 10.68 15.80 -16.73
CA GLN A 480 11.50 16.58 -15.83
C GLN A 480 11.70 15.91 -14.48
N THR A 481 10.78 15.08 -14.05
CA THR A 481 10.81 14.37 -12.78
C THR A 481 11.42 12.98 -12.77
N ILE A 482 12.13 12.60 -13.84
CA ILE A 482 12.80 11.33 -13.95
C ILE A 482 13.88 11.12 -12.88
N LEU A 483 13.99 9.91 -12.35
CA LEU A 483 15.00 9.63 -11.33
C LEU A 483 16.40 9.67 -11.99
N PRO A 484 17.42 10.11 -11.23
CA PRO A 484 18.78 10.05 -11.70
C PRO A 484 19.40 8.67 -11.83
N GLY A 485 18.84 7.72 -11.09
CA GLY A 485 19.35 6.33 -11.08
C GLY A 485 18.78 5.54 -9.96
N TYR A 486 19.05 4.26 -9.98
CA TYR A 486 18.91 3.40 -8.85
C TYR A 486 20.20 3.31 -8.06
N TYR A 487 20.09 3.38 -6.75
CA TYR A 487 21.26 3.59 -5.89
C TYR A 487 22.27 2.46 -6.02
N LYS A 488 23.48 2.82 -6.43
CA LYS A 488 24.59 1.86 -6.53
C LYS A 488 24.31 0.75 -7.55
N ARG A 489 23.46 1.00 -8.52
CA ARG A 489 23.07 -0.01 -9.44
C ARG A 489 23.04 0.58 -10.88
N PRO A 490 24.16 1.09 -11.39
CA PRO A 490 24.31 1.68 -12.75
C PRO A 490 23.91 0.69 -13.87
N GLU A 491 24.07 -0.61 -13.62
CA GLU A 491 23.60 -1.60 -14.60
C GLU A 491 22.10 -1.65 -14.74
N THR A 492 21.39 -1.65 -13.63
CA THR A 492 19.93 -1.72 -13.64
C THR A 492 19.38 -0.40 -14.20
N THR A 493 20.07 0.69 -13.89
CA THR A 493 19.68 2.02 -14.37
C THR A 493 19.69 2.05 -15.92
N ALA A 494 20.79 1.54 -16.48
CA ALA A 494 20.93 1.51 -17.89
C ALA A 494 19.82 0.77 -18.62
N GLU A 495 19.36 -0.33 -18.06
CA GLU A 495 18.33 -1.16 -18.66
C GLU A 495 17.04 -0.42 -18.84
N VAL A 496 16.78 0.63 -18.05
CA VAL A 496 15.50 1.37 -18.20
C VAL A 496 15.61 2.65 -19.04
N PHE A 497 16.75 2.85 -19.70
CA PHE A 497 16.98 4.07 -20.54
C PHE A 497 17.45 3.62 -21.94
N ASP A 498 16.82 4.18 -22.99
CA ASP A 498 17.25 3.81 -24.32
C ASP A 498 18.36 4.71 -24.85
N GLU A 499 18.84 4.41 -26.06
CA GLU A 499 20.00 5.12 -26.62
C GLU A 499 19.66 6.56 -26.90
N ASP A 500 18.38 6.89 -27.01
CA ASP A 500 18.00 8.30 -27.22
C ASP A 500 17.65 9.04 -25.97
N GLY A 501 17.77 8.41 -24.80
CA GLY A 501 17.53 9.13 -23.53
C GLY A 501 16.11 8.90 -22.97
N PHE A 502 15.27 8.13 -23.63
CA PHE A 502 13.91 7.89 -23.12
C PHE A 502 13.94 6.87 -21.97
N TYR A 503 13.15 7.15 -20.94
CA TYR A 503 12.85 6.23 -19.87
C TYR A 503 11.82 5.24 -20.40
N LEU A 504 12.02 3.93 -20.15
CA LEU A 504 11.15 2.86 -20.57
C LEU A 504 10.25 2.45 -19.40
N THR A 505 8.95 2.72 -19.48
CA THR A 505 8.05 2.50 -18.31
C THR A 505 7.84 0.98 -17.98
N GLY A 506 8.05 0.07 -18.95
CA GLY A 506 7.59 -1.32 -18.80
C GLY A 506 6.10 -1.57 -19.00
N ASP A 507 5.36 -0.51 -19.29
CA ASP A 507 3.92 -0.55 -19.36
C ASP A 507 3.49 -0.45 -20.83
N VAL A 508 2.66 -1.40 -21.29
CA VAL A 508 2.10 -1.33 -22.64
C VAL A 508 0.81 -0.58 -22.60
N VAL A 509 0.63 0.31 -23.56
CA VAL A 509 -0.51 1.15 -23.62
C VAL A 509 -1.08 1.21 -25.04
N ALA A 510 -2.34 1.64 -25.14
CA ALA A 510 -2.95 1.98 -26.43
C ALA A 510 -3.10 3.44 -26.53
N GLU A 511 -2.79 4.00 -27.67
CA GLU A 511 -3.02 5.41 -27.91
C GLU A 511 -4.33 5.62 -28.67
N VAL A 512 -5.22 6.41 -28.07
CA VAL A 512 -6.57 6.68 -28.56
C VAL A 512 -6.75 8.10 -29.02
N ALA A 513 -5.74 8.97 -28.86
CA ALA A 513 -5.83 10.31 -29.43
C ALA A 513 -4.53 11.07 -29.22
N PRO A 514 -4.34 12.22 -29.89
CA PRO A 514 -3.02 12.82 -29.72
C PRO A 514 -2.75 12.94 -28.21
N GLU A 515 -1.72 12.21 -27.78
CA GLU A 515 -1.27 12.25 -26.42
C GLU A 515 -2.34 11.79 -25.38
N GLU A 516 -3.23 10.86 -25.77
CA GLU A 516 -4.12 10.13 -24.86
C GLU A 516 -3.99 8.60 -24.84
N PHE A 517 -3.78 8.02 -23.65
CA PHE A 517 -3.47 6.64 -23.47
C PHE A 517 -4.32 5.74 -22.53
N VAL A 518 -4.32 4.44 -22.82
CA VAL A 518 -5.01 3.43 -22.02
C VAL A 518 -4.01 2.35 -21.61
N TYR A 519 -3.99 2.01 -20.33
CA TYR A 519 -3.13 0.93 -19.83
C TYR A 519 -3.62 -0.43 -20.36
N VAL A 520 -2.71 -1.21 -20.93
CA VAL A 520 -3.02 -2.52 -21.50
C VAL A 520 -2.30 -3.72 -20.85
N ASP A 521 -1.01 -3.65 -20.59
CA ASP A 521 -0.26 -4.83 -20.22
C ASP A 521 1.12 -4.39 -19.75
N ARG A 522 1.97 -5.36 -19.39
CA ARG A 522 3.37 -5.17 -19.09
C ARG A 522 4.22 -5.85 -20.16
N ARG A 523 5.37 -5.25 -20.48
CA ARG A 523 6.34 -5.88 -21.39
C ARG A 523 6.97 -7.15 -20.76
N LYS A 524 7.21 -7.19 -19.44
CA LYS A 524 7.93 -8.32 -18.77
C LYS A 524 7.12 -9.10 -17.66
N ASN A 525 7.72 -9.44 -16.54
CA ASN A 525 7.20 -10.48 -15.68
C ASN A 525 6.85 -9.97 -14.27
N VAL A 526 6.66 -8.64 -14.14
CA VAL A 526 6.25 -8.03 -12.88
C VAL A 526 5.05 -7.20 -13.18
N LEU A 527 4.05 -7.22 -12.28
CA LEU A 527 2.87 -6.47 -12.51
C LEU A 527 2.19 -6.09 -11.22
N LYS A 528 1.32 -5.11 -11.31
CA LYS A 528 0.49 -4.59 -10.18
C LYS A 528 -0.75 -5.42 -10.14
N LEU A 529 -1.23 -5.70 -8.92
CA LEU A 529 -2.60 -6.20 -8.73
C LEU A 529 -3.40 -5.05 -8.13
N SER A 530 -4.68 -5.28 -7.81
CA SER A 530 -5.51 -4.19 -7.35
C SER A 530 -5.12 -3.46 -6.08
N GLN A 531 -4.29 -4.07 -5.25
CA GLN A 531 -3.73 -3.41 -4.08
C GLN A 531 -2.75 -2.31 -4.40
N GLY A 532 -2.26 -2.23 -5.62
CA GLY A 532 -1.27 -1.28 -5.98
C GLY A 532 0.17 -1.68 -5.74
N GLU A 533 0.49 -2.97 -5.46
CA GLU A 533 1.87 -3.43 -5.22
C GLU A 533 2.33 -4.35 -6.33
N PHE A 534 3.61 -4.28 -6.67
CA PHE A 534 4.06 -5.10 -7.77
C PHE A 534 4.17 -6.52 -7.24
N VAL A 535 3.90 -7.49 -8.09
CA VAL A 535 4.20 -8.88 -7.84
C VAL A 535 5.10 -9.40 -8.94
N ALA A 536 6.12 -10.09 -8.52
CA ALA A 536 7.17 -10.58 -9.44
C ALA A 536 6.83 -12.05 -9.79
N LEU A 537 6.23 -12.24 -10.94
CA LEU A 537 5.79 -13.55 -11.32
C LEU A 537 6.92 -14.61 -11.30
N SER A 538 8.13 -14.25 -11.74
CA SER A 538 9.21 -15.23 -11.89
C SER A 538 9.76 -15.69 -10.53
N LYS A 539 9.81 -14.80 -9.57
CA LYS A 539 10.18 -15.14 -8.19
C LYS A 539 9.19 -16.05 -7.56
N LEU A 540 7.91 -15.81 -7.81
CA LEU A 540 6.92 -16.69 -7.23
C LEU A 540 7.02 -18.08 -7.87
N GLU A 541 7.28 -18.12 -9.14
CA GLU A 541 7.43 -19.37 -9.80
C GLU A 541 8.54 -20.19 -9.24
N ALA A 542 9.67 -19.55 -8.98
CA ALA A 542 10.83 -20.26 -8.38
C ALA A 542 10.53 -20.81 -6.99
N ALA A 543 9.87 -20.01 -6.16
CA ALA A 543 9.46 -20.48 -4.87
C ALA A 543 8.46 -21.64 -4.94
N TYR A 544 7.43 -21.48 -5.77
CA TYR A 544 6.39 -22.49 -5.86
C TYR A 544 6.81 -23.79 -6.51
N GLY A 545 7.71 -23.71 -7.48
CA GLY A 545 8.43 -24.85 -8.07
C GLY A 545 9.14 -25.73 -7.04
N THR A 546 9.41 -25.27 -5.83
CA THR A 546 9.97 -26.23 -4.87
C THR A 546 8.92 -27.08 -4.15
N SER A 547 7.64 -26.89 -4.41
CA SER A 547 6.63 -27.83 -3.92
C SER A 547 6.86 -29.25 -4.50
N PRO A 548 6.85 -30.28 -3.62
CA PRO A 548 6.99 -31.68 -4.07
C PRO A 548 5.90 -32.17 -5.04
N LEU A 549 4.71 -31.58 -4.97
CA LEU A 549 3.60 -31.82 -5.95
C LEU A 549 3.79 -31.23 -7.35
N VAL A 550 4.69 -30.25 -7.50
CA VAL A 550 4.78 -29.51 -8.73
C VAL A 550 5.94 -29.98 -9.58
N ARG A 551 5.59 -30.28 -10.83
CA ARG A 551 6.53 -30.48 -11.94
C ARG A 551 6.85 -29.17 -12.66
N GLN A 552 5.82 -28.46 -13.17
CA GLN A 552 5.99 -27.13 -13.78
C GLN A 552 4.90 -26.21 -13.32
N ILE A 553 5.17 -24.90 -13.24
CA ILE A 553 4.16 -23.96 -12.83
C ILE A 553 4.40 -22.64 -13.49
N SER A 554 3.35 -22.04 -14.03
CA SER A 554 3.39 -20.69 -14.59
C SER A 554 2.30 -19.89 -13.88
N VAL A 555 2.73 -18.81 -13.21
CA VAL A 555 1.89 -18.03 -12.41
C VAL A 555 1.41 -16.87 -13.29
N TYR A 556 0.16 -16.55 -13.11
CA TYR A 556 -0.52 -15.61 -13.97
C TYR A 556 -1.31 -14.62 -13.15
N GLY A 557 -1.28 -13.37 -13.58
CA GLY A 557 -2.13 -12.36 -12.98
C GLY A 557 -2.68 -11.38 -14.01
N SER A 558 -3.72 -10.70 -13.61
CA SER A 558 -4.39 -9.64 -14.37
C SER A 558 -4.43 -8.48 -13.40
N SER A 559 -3.97 -7.34 -13.87
CA SER A 559 -3.90 -6.16 -12.99
C SER A 559 -5.21 -5.55 -12.57
N GLN A 560 -6.30 -6.01 -13.14
CA GLN A 560 -7.65 -5.64 -12.68
C GLN A 560 -8.22 -6.53 -11.57
N ARG A 561 -7.47 -7.55 -11.19
CA ARG A 561 -7.86 -8.48 -10.15
C ARG A 561 -6.99 -8.32 -8.94
N SER A 562 -7.42 -8.93 -7.83
CA SER A 562 -6.81 -8.79 -6.52
C SER A 562 -5.99 -10.02 -6.09
N TYR A 563 -5.85 -10.99 -6.98
CA TYR A 563 -5.21 -12.25 -6.64
C TYR A 563 -4.69 -12.90 -7.86
N LEU A 564 -3.90 -13.96 -7.70
CA LEU A 564 -3.28 -14.63 -8.84
C LEU A 564 -3.86 -16.01 -9.07
N LEU A 565 -3.52 -16.53 -10.24
CA LEU A 565 -3.84 -17.86 -10.72
C LEU A 565 -2.57 -18.53 -11.20
N ALA A 566 -2.60 -19.85 -11.45
CA ALA A 566 -1.51 -20.51 -12.11
C ALA A 566 -1.91 -21.70 -12.93
N VAL A 567 -1.10 -21.95 -13.93
CA VAL A 567 -1.17 -23.14 -14.67
C VAL A 567 -0.13 -24.10 -14.03
N VAL A 568 -0.57 -25.25 -13.55
CA VAL A 568 0.31 -26.23 -12.87
C VAL A 568 0.26 -27.56 -13.56
N VAL A 569 1.45 -28.05 -13.95
CA VAL A 569 1.65 -29.45 -14.29
C VAL A 569 2.09 -30.14 -13.04
N PRO A 570 1.23 -30.99 -12.41
CA PRO A 570 1.68 -31.67 -11.19
C PRO A 570 2.55 -32.87 -11.56
N THR A 571 3.24 -33.42 -10.60
CA THR A 571 4.03 -34.61 -10.85
C THR A 571 3.10 -35.80 -11.13
N PRO A 572 3.57 -36.80 -11.84
CA PRO A 572 2.76 -38.05 -11.96
C PRO A 572 2.29 -38.63 -10.63
N GLU A 573 3.18 -38.60 -9.61
CA GLU A 573 2.83 -39.10 -8.29
C GLU A 573 1.66 -38.30 -7.67
N ALA A 574 1.65 -36.96 -7.86
CA ALA A 574 0.56 -36.10 -7.35
C ALA A 574 -0.75 -36.32 -8.11
N LEU A 575 -0.63 -36.48 -9.43
CA LEU A 575 -1.80 -36.71 -10.29
C LEU A 575 -2.43 -38.11 -9.91
N ALA A 576 -1.53 -39.06 -9.58
CA ALA A 576 -1.99 -40.43 -9.22
C ALA A 576 -2.65 -40.36 -7.83
N LYS A 577 -2.00 -39.73 -6.85
CA LYS A 577 -2.49 -39.75 -5.46
C LYS A 577 -3.78 -38.98 -5.27
N TYR A 578 -3.87 -37.79 -5.90
CA TYR A 578 -4.95 -36.86 -5.77
C TYR A 578 -5.91 -36.70 -7.02
N GLY A 579 -5.51 -37.16 -8.20
CA GLY A 579 -6.32 -37.00 -9.38
C GLY A 579 -6.09 -35.61 -10.03
N ASP A 580 -6.93 -35.21 -10.99
CA ASP A 580 -6.68 -34.01 -11.81
C ASP A 580 -7.79 -32.94 -11.72
N GLY A 581 -8.50 -32.90 -10.61
CA GLY A 581 -9.59 -31.96 -10.42
C GLY A 581 -9.43 -31.25 -9.09
N GLU A 582 -10.57 -30.99 -8.45
CA GLU A 582 -10.62 -30.09 -7.33
C GLU A 582 -9.72 -30.56 -6.18
N ALA A 583 -9.59 -31.88 -5.99
CA ALA A 583 -8.85 -32.37 -4.83
C ALA A 583 -7.32 -32.10 -4.98
N VAL A 584 -6.76 -32.27 -6.19
CA VAL A 584 -5.35 -31.90 -6.39
C VAL A 584 -5.19 -30.35 -6.26
N LYS A 585 -6.19 -29.58 -6.67
CA LYS A 585 -6.12 -28.12 -6.47
C LYS A 585 -6.07 -27.80 -5.00
N SER A 586 -6.73 -28.63 -4.18
CA SER A 586 -6.71 -28.39 -2.70
C SER A 586 -5.36 -28.72 -2.13
N ALA A 587 -4.85 -29.89 -2.51
CA ALA A 587 -3.51 -30.35 -2.15
C ALA A 587 -2.46 -29.28 -2.54
N LEU A 588 -2.51 -28.84 -3.79
CA LEU A 588 -1.60 -27.80 -4.24
C LEU A 588 -1.70 -26.53 -3.41
N GLY A 589 -2.92 -26.07 -3.19
CA GLY A 589 -3.17 -24.90 -2.33
C GLY A 589 -2.53 -24.93 -0.95
N ASP A 590 -2.75 -26.04 -0.27
CA ASP A 590 -2.10 -26.31 1.03
C ASP A 590 -0.56 -26.28 0.95
N SER A 591 0.04 -26.96 -0.02
CA SER A 591 1.47 -26.92 -0.28
C SER A 591 2.02 -25.49 -0.57
N LEU A 592 1.38 -24.78 -1.50
CA LEU A 592 1.77 -23.38 -1.85
C LEU A 592 1.65 -22.48 -0.65
N GLN A 593 0.54 -22.62 0.05
CA GLN A 593 0.23 -21.73 1.16
C GLN A 593 1.35 -21.79 2.19
N LYS A 594 1.84 -23.01 2.42
CA LYS A 594 2.88 -23.30 3.40
C LYS A 594 4.25 -22.75 2.95
N ILE A 595 4.64 -23.02 1.71
CA ILE A 595 5.77 -22.29 1.09
C ILE A 595 5.64 -20.75 1.26
N ALA A 596 4.46 -20.20 1.04
CA ALA A 596 4.28 -18.74 1.16
C ALA A 596 4.52 -18.31 2.64
N ARG A 597 3.92 -19.05 3.58
CA ARG A 597 4.21 -18.86 5.01
C ARG A 597 5.71 -18.95 5.28
N GLU A 598 6.40 -19.97 4.75
CA GLU A 598 7.87 -20.17 4.98
C GLU A 598 8.71 -19.07 4.38
N GLU A 599 8.47 -18.70 3.12
CA GLU A 599 9.31 -17.69 2.47
C GLU A 599 8.83 -16.26 2.66
N GLY A 600 7.87 -16.01 3.55
CA GLY A 600 7.33 -14.65 3.80
C GLY A 600 6.67 -13.94 2.63
N LEU A 601 6.01 -14.69 1.75
CA LEU A 601 5.29 -14.02 0.65
C LEU A 601 4.03 -13.35 1.16
N GLN A 602 3.48 -12.42 0.39
CA GLN A 602 2.31 -11.73 0.91
C GLN A 602 1.11 -12.63 0.67
N SER A 603 0.04 -12.37 1.42
CA SER A 603 -1.21 -13.14 1.28
C SER A 603 -1.73 -13.19 -0.16
N TYR A 604 -1.73 -12.03 -0.81
CA TYR A 604 -2.21 -11.95 -2.20
C TYR A 604 -1.32 -12.58 -3.31
N GLU A 605 -0.14 -13.09 -2.96
CA GLU A 605 0.78 -13.73 -3.92
C GLU A 605 0.63 -15.30 -3.88
N VAL A 606 -0.34 -15.77 -3.10
CA VAL A 606 -0.72 -17.16 -3.11
C VAL A 606 -1.80 -17.39 -4.16
N PRO A 607 -1.51 -18.15 -5.24
CA PRO A 607 -2.61 -18.46 -6.21
C PRO A 607 -3.84 -19.08 -5.61
N ARG A 608 -4.98 -18.54 -5.99
CA ARG A 608 -6.24 -18.99 -5.48
C ARG A 608 -6.87 -20.16 -6.21
N ASP A 609 -6.58 -20.35 -7.50
CA ASP A 609 -7.19 -21.40 -8.29
C ASP A 609 -6.18 -21.67 -9.41
N PHE A 610 -6.34 -22.80 -10.07
CA PHE A 610 -5.34 -23.39 -10.99
C PHE A 610 -6.01 -23.89 -12.26
N ILE A 611 -5.23 -24.00 -13.32
CA ILE A 611 -5.54 -24.85 -14.44
C ILE A 611 -4.59 -26.02 -14.19
N ILE A 612 -5.17 -27.22 -14.02
CA ILE A 612 -4.36 -28.43 -13.91
C ILE A 612 -4.14 -28.98 -15.33
N GLU A 613 -2.90 -29.03 -15.74
CA GLU A 613 -2.51 -29.55 -17.03
C GLU A 613 -1.85 -30.87 -16.73
N THR A 614 -2.31 -31.95 -17.35
CA THR A 614 -1.65 -33.24 -17.13
C THR A 614 -0.66 -33.50 -18.25
N ASP A 615 -0.62 -32.67 -19.30
CA ASP A 615 0.30 -32.88 -20.43
C ASP A 615 1.46 -31.87 -20.29
N PRO A 616 2.70 -32.34 -20.04
CA PRO A 616 3.76 -31.34 -19.68
C PRO A 616 4.05 -30.29 -20.76
N PHE A 617 4.54 -29.13 -20.30
CA PHE A 617 5.07 -28.13 -21.18
C PHE A 617 6.28 -28.77 -21.83
N THR A 618 6.45 -28.54 -23.12
CA THR A 618 7.63 -29.02 -23.81
C THR A 618 8.03 -28.14 -25.01
N ILE A 619 9.23 -28.39 -25.56
CA ILE A 619 9.70 -27.70 -26.74
C ILE A 619 8.78 -28.06 -27.90
N GLU A 620 8.39 -29.33 -27.99
CA GLU A 620 7.46 -29.78 -29.03
C GLU A 620 6.17 -29.04 -29.02
N ASN A 621 5.71 -28.67 -27.81
CA ASN A 621 4.48 -27.93 -27.55
C ASN A 621 4.52 -26.48 -27.90
N GLY A 622 5.73 -25.93 -28.02
CA GLY A 622 5.94 -24.50 -28.22
C GLY A 622 6.02 -23.73 -26.91
N ILE A 623 5.69 -24.38 -25.78
CA ILE A 623 5.65 -23.70 -24.46
C ILE A 623 7.04 -23.43 -23.85
N LEU A 624 8.01 -24.27 -24.16
CA LEU A 624 9.39 -24.15 -23.66
C LEU A 624 10.24 -23.70 -24.80
N SER A 625 11.14 -22.73 -24.57
CA SER A 625 12.18 -22.37 -25.55
C SER A 625 13.18 -23.55 -25.80
N ASP A 626 14.05 -23.41 -26.81
CA ASP A 626 15.15 -24.37 -27.09
C ASP A 626 16.04 -24.63 -25.86
N ALA A 627 16.15 -23.62 -25.01
CA ALA A 627 16.96 -23.62 -23.80
C ALA A 627 16.23 -24.17 -22.55
N GLY A 628 15.02 -24.69 -22.69
CA GLY A 628 14.32 -25.29 -21.55
C GLY A 628 13.44 -24.39 -20.70
N LYS A 629 13.33 -23.11 -21.05
CA LYS A 629 12.59 -22.19 -20.17
C LYS A 629 11.16 -21.96 -20.67
N THR A 630 10.25 -21.77 -19.71
CA THR A 630 8.82 -21.55 -20.01
C THR A 630 8.62 -20.14 -20.65
N LEU A 631 8.01 -20.07 -21.82
CA LEU A 631 7.73 -18.78 -22.51
C LEU A 631 6.35 -18.29 -22.14
N ARG A 632 6.33 -17.17 -21.43
CA ARG A 632 5.08 -16.61 -20.88
C ARG A 632 4.02 -16.26 -21.95
N PRO A 633 4.45 -15.63 -23.06
CA PRO A 633 3.51 -15.36 -24.15
C PRO A 633 2.79 -16.59 -24.74
N LYS A 634 3.46 -17.75 -24.72
CA LYS A 634 2.87 -18.99 -25.21
C LYS A 634 1.90 -19.59 -24.19
N VAL A 635 2.27 -19.56 -22.91
CA VAL A 635 1.31 -19.88 -21.86
C VAL A 635 0.03 -19.08 -22.03
N LYS A 636 0.20 -17.79 -22.28
CA LYS A 636 -0.94 -16.89 -22.42
C LYS A 636 -1.77 -17.25 -23.64
N ALA A 637 -1.11 -17.48 -24.78
CA ALA A 637 -1.81 -17.81 -26.00
C ALA A 637 -2.63 -19.13 -25.80
N ARG A 638 -2.04 -20.11 -25.13
CA ARG A 638 -2.76 -21.38 -24.92
C ARG A 638 -3.73 -21.41 -23.74
N TYR A 639 -3.40 -20.75 -22.61
CA TYR A 639 -4.26 -20.84 -21.42
C TYR A 639 -4.94 -19.60 -21.01
N GLY A 640 -4.69 -18.50 -21.73
CA GLY A 640 -5.17 -17.19 -21.32
C GLY A 640 -6.66 -17.16 -21.23
N GLU A 641 -7.36 -17.79 -22.19
CA GLU A 641 -8.82 -17.74 -22.10
C GLU A 641 -9.36 -18.46 -20.92
N ARG A 642 -8.81 -19.63 -20.66
CA ARG A 642 -9.25 -20.38 -19.49
C ARG A 642 -8.90 -19.64 -18.21
N LEU A 643 -7.74 -19.00 -18.20
CA LEU A 643 -7.36 -18.26 -16.96
C LEU A 643 -8.31 -17.10 -16.75
N GLU A 644 -8.54 -16.30 -17.82
CA GLU A 644 -9.51 -15.23 -17.70
C GLU A 644 -10.90 -15.73 -17.31
N ALA A 645 -11.27 -16.95 -17.68
CA ALA A 645 -12.57 -17.51 -17.32
C ALA A 645 -12.68 -17.77 -15.84
N LEU A 646 -11.57 -18.29 -15.27
CA LEU A 646 -11.48 -18.54 -13.82
C LEU A 646 -11.73 -17.30 -13.04
N TYR A 647 -11.03 -16.22 -13.40
CA TYR A 647 -11.31 -14.97 -12.80
C TYR A 647 -12.79 -14.60 -12.97
N ALA A 648 -13.29 -14.68 -14.21
CA ALA A 648 -14.63 -14.15 -14.56
C ALA A 648 -15.71 -14.88 -13.80
N GLN A 649 -15.59 -16.20 -13.82
CA GLN A 649 -16.54 -17.03 -13.15
C GLN A 649 -16.65 -16.81 -11.64
N LEU A 650 -15.53 -16.57 -10.95
CA LEU A 650 -15.61 -16.29 -9.50
C LEU A 650 -16.32 -14.93 -9.25
N ALA A 651 -15.91 -13.90 -9.99
CA ALA A 651 -16.59 -12.61 -9.92
C ALA A 651 -18.12 -12.69 -10.26
N GLU A 652 -18.50 -13.63 -11.11
CA GLU A 652 -19.91 -13.81 -11.45
C GLU A 652 -20.62 -14.60 -10.38
N THR A 653 -19.89 -15.47 -9.70
CA THR A 653 -20.50 -16.46 -8.85
C THR A 653 -20.58 -16.06 -7.36
N GLN A 654 -19.78 -15.09 -6.90
CA GLN A 654 -19.79 -14.73 -5.48
C GLN A 654 -21.20 -14.33 -4.89
N ALA A 655 -22.29 -14.60 -5.61
CA ALA A 655 -23.63 -14.70 -4.99
C ALA A 655 -23.89 -16.15 -4.46
N GLY A 656 -22.88 -17.01 -4.47
CA GLY A 656 -22.84 -18.16 -3.57
C GLY A 656 -22.94 -17.73 -2.10
N GLU A 657 -22.61 -16.48 -1.78
CA GLU A 657 -22.84 -15.96 -0.41
C GLU A 657 -24.30 -15.77 -0.03
N LEU A 658 -25.10 -15.38 -1.01
CA LEU A 658 -26.56 -15.30 -0.91
C LEU A 658 -27.16 -16.64 -0.45
N ARG A 659 -26.54 -17.75 -0.83
CA ARG A 659 -27.03 -19.04 -0.40
C ARG A 659 -26.36 -19.47 0.91
N SER A 660 -25.12 -19.05 1.14
CA SER A 660 -24.52 -19.26 2.44
C SER A 660 -25.36 -18.48 3.51
N ILE A 661 -25.71 -17.22 3.25
CA ILE A 661 -26.58 -16.46 4.21
C ILE A 661 -27.92 -17.18 4.45
N ARG A 662 -28.63 -17.57 3.39
CA ARG A 662 -29.95 -18.18 3.52
C ARG A 662 -29.89 -19.60 4.11
N VAL A 663 -29.44 -19.66 5.36
CA VAL A 663 -29.30 -20.86 6.22
C VAL A 663 -28.54 -20.39 7.45
N GLY A 666 -28.25 -21.16 9.66
CA GLY A 666 -29.69 -21.34 9.97
C GLY A 666 -30.11 -22.81 10.05
N GLU A 667 -30.05 -23.49 8.90
CA GLU A 667 -30.20 -24.96 8.78
C GLU A 667 -28.88 -25.77 8.78
N ARG A 668 -27.73 -25.17 9.07
CA ARG A 668 -26.49 -25.96 9.15
C ARG A 668 -25.72 -25.49 10.34
N PRO A 669 -24.74 -26.27 10.80
CA PRO A 669 -24.00 -25.79 11.99
C PRO A 669 -23.09 -24.57 11.71
N VAL A 670 -22.79 -23.83 12.80
CA VAL A 670 -21.97 -22.63 12.78
C VAL A 670 -20.68 -22.79 11.96
N ILE A 671 -19.91 -23.82 12.30
CA ILE A 671 -18.64 -24.10 11.65
C ILE A 671 -18.77 -24.21 10.14
N GLU A 672 -19.87 -24.79 9.67
CA GLU A 672 -19.98 -25.06 8.25
C GLU A 672 -20.23 -23.77 7.47
N THR A 673 -20.97 -22.87 8.07
CA THR A 673 -21.16 -21.54 7.53
C THR A 673 -19.81 -20.75 7.53
N VAL A 674 -19.05 -20.87 8.62
CA VAL A 674 -17.75 -20.16 8.83
C VAL A 674 -16.81 -20.61 7.73
N GLN A 675 -16.78 -21.92 7.53
CA GLN A 675 -15.95 -22.55 6.49
C GLN A 675 -16.33 -22.09 5.13
N ARG A 676 -17.61 -22.21 4.81
CA ARG A 676 -18.11 -21.97 3.50
C ARG A 676 -17.96 -20.52 3.13
N ALA A 677 -18.23 -19.65 4.08
CA ALA A 677 -17.99 -18.22 3.92
C ALA A 677 -16.51 -17.93 3.54
N ALA A 678 -15.56 -18.47 4.30
CA ALA A 678 -14.12 -18.26 4.03
C ALA A 678 -13.76 -18.78 2.64
N ALA A 679 -14.33 -19.93 2.27
CA ALA A 679 -14.14 -20.48 0.93
C ALA A 679 -14.61 -19.52 -0.16
N ALA A 680 -15.81 -18.96 -0.04
CA ALA A 680 -16.33 -18.01 -1.09
C ALA A 680 -15.49 -16.72 -1.23
N LEU A 681 -15.01 -16.17 -0.12
CA LEU A 681 -14.24 -14.91 -0.15
C LEU A 681 -12.77 -15.08 -0.57
N LEU A 682 -12.19 -16.24 -0.30
CA LEU A 682 -10.81 -16.49 -0.63
C LEU A 682 -10.62 -17.41 -1.83
N GLY A 683 -11.66 -17.57 -2.66
CA GLY A 683 -11.57 -18.29 -3.96
C GLY A 683 -11.50 -19.82 -3.87
N ALA A 684 -10.65 -20.31 -2.95
CA ALA A 684 -10.51 -21.74 -2.67
C ALA A 684 -11.77 -22.34 -2.06
N VAL A 689 -11.98 -25.86 1.20
CA VAL A 689 -11.54 -25.32 2.49
C VAL A 689 -11.11 -26.48 3.40
N ASP A 690 -10.98 -26.23 4.71
CA ASP A 690 -10.90 -27.30 5.71
C ASP A 690 -10.96 -26.69 7.11
N PRO A 691 -11.71 -27.30 8.04
CA PRO A 691 -11.97 -26.65 9.35
C PRO A 691 -10.72 -26.15 10.08
N GLU A 692 -9.58 -26.76 9.79
CA GLU A 692 -8.39 -26.52 10.60
C GLU A 692 -7.55 -25.32 10.15
N ALA A 693 -7.78 -24.83 8.92
CA ALA A 693 -6.96 -23.73 8.36
C ALA A 693 -7.01 -22.42 9.20
N HIS A 694 -6.06 -21.51 8.92
CA HIS A 694 -6.11 -20.16 9.44
C HIS A 694 -6.48 -19.25 8.26
N PHE A 695 -7.42 -18.33 8.47
CA PHE A 695 -7.91 -17.39 7.41
C PHE A 695 -6.75 -16.70 6.69
N SER A 696 -5.78 -16.19 7.48
CA SER A 696 -4.47 -15.63 7.01
C SER A 696 -3.75 -16.53 5.96
N ASP A 697 -3.41 -17.77 6.36
CA ASP A 697 -2.79 -18.75 5.43
C ASP A 697 -3.47 -18.77 4.09
N LEU A 698 -4.79 -18.60 4.11
CA LEU A 698 -5.59 -19.00 2.98
C LEU A 698 -5.44 -18.08 1.79
N GLY A 699 -4.94 -16.87 2.01
CA GLY A 699 -4.52 -15.99 0.91
C GLY A 699 -5.62 -15.07 0.43
N GLY A 700 -6.02 -14.15 1.30
CA GLY A 700 -6.82 -13.01 0.83
C GLY A 700 -5.93 -11.82 1.01
N ASP A 701 -6.39 -10.93 1.87
CA ASP A 701 -5.65 -9.74 2.27
C ASP A 701 -6.44 -9.21 3.46
N SER A 702 -5.95 -8.15 4.09
CA SER A 702 -6.52 -7.70 5.33
C SER A 702 -7.96 -7.15 5.16
N LEU A 703 -8.28 -6.62 3.95
CA LEU A 703 -9.64 -6.25 3.60
C LEU A 703 -10.60 -7.43 3.36
N SER A 704 -10.03 -8.62 3.17
CA SER A 704 -10.85 -9.82 3.07
C SER A 704 -11.41 -10.19 4.42
N ALA A 705 -10.59 -10.11 5.46
CA ALA A 705 -11.05 -10.34 6.83
C ALA A 705 -12.10 -9.34 7.35
N LEU A 706 -12.00 -8.06 6.93
CA LEU A 706 -13.08 -7.10 7.23
C LEU A 706 -14.41 -7.56 6.59
N THR A 707 -14.37 -7.96 5.34
CA THR A 707 -15.57 -8.37 4.63
C THR A 707 -16.20 -9.65 5.29
N TYR A 708 -15.33 -10.62 5.59
CA TYR A 708 -15.69 -11.84 6.29
C TYR A 708 -16.39 -11.48 7.61
N SER A 709 -15.73 -10.64 8.39
CA SER A 709 -16.25 -10.15 9.66
C SER A 709 -17.63 -9.51 9.58
N ASN A 710 -17.89 -8.68 8.58
CA ASN A 710 -19.24 -8.11 8.45
C ASN A 710 -20.24 -9.17 8.07
N PHE A 711 -19.83 -10.06 7.20
CA PHE A 711 -20.72 -11.12 6.72
C PHE A 711 -21.23 -12.00 7.89
N LEU A 712 -20.32 -12.39 8.79
CA LEU A 712 -20.69 -13.31 9.88
C LEU A 712 -21.48 -12.54 10.95
N HIS A 713 -21.10 -11.28 11.14
CA HIS A 713 -21.82 -10.40 12.06
C HIS A 713 -23.29 -10.25 11.64
N GLU A 714 -23.51 -10.22 10.33
CA GLU A 714 -24.81 -10.04 9.79
C GLU A 714 -25.57 -11.27 10.17
N ILE A 715 -25.03 -12.44 9.87
CA ILE A 715 -25.75 -13.69 10.11
C ILE A 715 -25.99 -14.02 11.58
N PHE A 716 -24.94 -14.03 12.37
CA PHE A 716 -25.00 -14.43 13.76
C PHE A 716 -25.19 -13.30 14.78
N GLN A 717 -25.44 -12.07 14.29
CA GLN A 717 -25.73 -10.95 15.16
C GLN A 717 -24.75 -10.93 16.33
N VAL A 718 -23.51 -11.25 16.07
CA VAL A 718 -22.49 -11.30 17.10
C VAL A 718 -21.36 -10.43 16.58
N GLU A 719 -20.60 -9.81 17.48
CA GLU A 719 -19.40 -9.09 17.05
C GLU A 719 -18.30 -10.09 16.65
N VAL A 720 -17.85 -10.04 15.39
CA VAL A 720 -16.78 -10.96 14.96
C VAL A 720 -15.55 -10.20 14.52
N PRO A 721 -14.75 -9.74 15.50
CA PRO A 721 -13.69 -8.80 15.22
C PRO A 721 -12.54 -9.44 14.47
N VAL A 722 -11.87 -8.62 13.69
CA VAL A 722 -10.84 -9.07 12.75
C VAL A 722 -9.65 -9.72 13.47
N SER A 723 -9.38 -9.26 14.70
CA SER A 723 -8.25 -9.74 15.49
C SER A 723 -8.46 -11.18 15.99
N VAL A 724 -9.72 -11.54 16.23
CA VAL A 724 -10.11 -12.94 16.43
C VAL A 724 -9.92 -13.79 15.11
N ILE A 725 -9.92 -13.14 13.95
CA ILE A 725 -9.89 -13.82 12.65
C ILE A 725 -8.47 -13.95 12.11
N VAL A 726 -7.58 -13.06 12.53
CA VAL A 726 -6.23 -12.97 11.91
C VAL A 726 -5.05 -13.44 12.81
N SER A 727 -5.18 -13.24 14.13
CA SER A 727 -4.18 -13.75 15.10
C SER A 727 -3.69 -15.16 14.84
N ALA A 728 -2.38 -15.31 14.73
CA ALA A 728 -1.76 -16.58 14.27
C ALA A 728 -2.30 -17.87 14.91
N ALA A 729 -2.57 -17.82 16.23
CA ALA A 729 -3.04 -19.00 16.99
C ALA A 729 -4.56 -19.30 16.84
N ASN A 730 -5.27 -18.50 16.05
CA ASN A 730 -6.70 -18.71 15.75
C ASN A 730 -6.95 -19.28 14.35
N ASN A 731 -7.52 -20.47 14.28
CA ASN A 731 -7.89 -21.20 13.02
C ASN A 731 -9.40 -20.99 12.82
N LEU A 732 -10.01 -21.63 11.83
CA LEU A 732 -11.46 -21.46 11.62
C LEU A 732 -12.37 -22.06 12.72
N ARG A 733 -11.84 -23.00 13.48
CA ARG A 733 -12.63 -23.62 14.53
C ARG A 733 -12.71 -22.64 15.72
N SER A 734 -11.64 -21.88 15.97
CA SER A 734 -11.68 -20.84 16.99
C SER A 734 -12.68 -19.73 16.65
N VAL A 735 -12.81 -19.42 15.35
CA VAL A 735 -13.80 -18.43 14.87
C VAL A 735 -15.24 -18.86 15.18
N ALA A 736 -15.56 -20.10 14.80
CA ALA A 736 -16.85 -20.72 15.16
C ALA A 736 -17.08 -20.68 16.68
N ALA A 737 -16.07 -21.18 17.39
CA ALA A 737 -16.03 -21.18 18.85
C ALA A 737 -16.28 -19.81 19.45
N HIS A 738 -15.65 -18.79 18.87
CA HIS A 738 -15.86 -17.41 19.31
C HIS A 738 -17.33 -16.99 19.13
N ILE A 739 -17.88 -17.26 17.96
CA ILE A 739 -19.27 -16.87 17.67
C ILE A 739 -20.23 -17.56 18.68
N GLU A 740 -19.96 -18.83 18.98
CA GLU A 740 -20.84 -19.61 19.87
C GLU A 740 -20.82 -19.07 21.29
N LYS A 741 -19.63 -18.68 21.74
CA LYS A 741 -19.42 -18.15 23.08
C LYS A 741 -20.09 -16.82 23.22
N GLU A 742 -19.93 -15.96 22.21
CA GLU A 742 -20.57 -14.64 22.21
C GLU A 742 -22.09 -14.72 22.23
N ARG A 743 -22.62 -15.74 21.58
CA ARG A 743 -24.06 -15.94 21.49
C ARG A 743 -24.69 -16.25 22.87
N SER A 744 -23.91 -16.88 23.76
CA SER A 744 -24.39 -17.34 25.07
C SER A 744 -24.47 -16.24 26.15
P AMP B . 4.84 2.72 -8.40
O1P AMP B . 4.10 4.06 -8.37
O2P AMP B . 4.47 1.99 -7.14
O3P AMP B . 6.23 2.86 -8.92
O5' AMP B . 4.13 1.83 -9.54
C5' AMP B . 3.92 2.33 -10.83
C4' AMP B . 3.30 1.26 -11.72
O4' AMP B . 1.93 1.07 -11.26
C3' AMP B . 3.22 1.73 -13.18
O3' AMP B . 4.39 1.53 -14.02
C2' AMP B . 2.00 0.97 -13.65
O2' AMP B . 2.37 -0.35 -13.98
C1' AMP B . 1.11 0.95 -12.43
N9 AMP B . 0.14 2.05 -12.42
C8 AMP B . 0.22 3.21 -11.68
N7 AMP B . -0.88 3.97 -11.89
C5 AMP B . -1.65 3.32 -12.73
C6 AMP B . -2.91 3.61 -13.37
N6 AMP B . -3.54 4.73 -13.04
N1 AMP B . -3.38 2.68 -14.25
C2 AMP B . -2.72 1.56 -14.53
N3 AMP B . -1.57 1.22 -13.95
C4 AMP B . -1.00 2.06 -13.07
NA NA C . -1.06 -5.30 -5.75
#